data_2ZC6
#
_entry.id   2ZC6
#
_cell.length_a   185.755
_cell.length_b   50.277
_cell.length_c   109.535
_cell.angle_alpha   90.00
_cell.angle_beta   90.00
_cell.angle_gamma   90.00
#
_symmetry.space_group_name_H-M   'P 21 21 2'
#
loop_
_entity.id
_entity.type
_entity.pdbx_description
1 polymer 'Penicillin-binding protein 1A'
2 polymer 'Penicillin-binding protein 1A'
3 non-polymer 'ZINC ION'
4 non-polymer '(4R,5S)-3-(1-(4,5-dihydrothiazol-2-yl)azetidin-3-ylthio)-5-((2S,3R)-3-hydroxy-1-oxobutan-2-yl)-4-methyl-4,5- dihydro-1H-pyrrole-2-carboxylic acid'
5 water water
#
loop_
_entity_poly.entity_id
_entity_poly.type
_entity_poly.pdbx_seq_one_letter_code
_entity_poly.pdbx_strand_id
1 'polypeptide(L)' LVATTSSKIYDNKNQLIADLGSER A,C
2 'polypeptide(L)'
;SASNYPAYMDNYLKEVINQVEEETGYNLLTTGMDVYTNVDQEAQKHLWDIYNTDEYVAYPDDELQVASTIVDVSNGKVIA
QLGARHQSSNVSFGINQAVETNRDWGSTMKPITDYAPALEYGVYDSTATIVHDEPYNYPGTNTPVYNWDRGYFGNITLQY
ALQQSRNVPAVETLNKVGLNRAKTFLNGLGIDYPSIHYSNAISSNTTESDKKYGASSEKMAAAYAAFANGGTYYKPMYIH
KVVFSDGSEKEFSNVGTRAMKETTAYMMTDMMKTVLSYGTGQNAYLAWLPQAGKTGTSNYTDEEIENHIKTSQFVAPDEL
FAGYTRKYSMAVWTGYSNRLTPLVGNGLTVAAKVYRSMMTYLSEGSNPEDWNIPEGLYRNGEFVFKNGAR
;
B,D
#
# COMPACT_ATOMS: atom_id res chain seq x y z
N THR A 5 3.73 4.79 -18.06
CA THR A 5 3.54 6.04 -17.27
C THR A 5 4.39 7.20 -17.78
N SER A 6 5.72 7.05 -17.72
CA SER A 6 6.66 8.10 -18.14
C SER A 6 7.63 7.65 -19.24
N SER A 7 7.25 7.86 -20.49
CA SER A 7 8.07 7.47 -21.62
C SER A 7 8.60 8.67 -22.40
N LYS A 8 9.92 8.71 -22.59
CA LYS A 8 10.59 9.79 -23.31
C LYS A 8 11.00 9.34 -24.70
N ILE A 9 10.82 10.22 -25.68
CA ILE A 9 11.12 9.92 -27.08
C ILE A 9 12.14 10.90 -27.65
N TYR A 10 13.19 10.37 -28.26
CA TYR A 10 14.28 11.18 -28.78
C TYR A 10 14.41 11.02 -30.29
N ASP A 11 14.82 12.10 -30.96
CA ASP A 11 15.06 12.09 -32.39
C ASP A 11 16.40 11.42 -32.73
N ASN A 12 16.80 11.49 -34.00
CA ASN A 12 18.05 10.89 -34.47
C ASN A 12 19.32 11.52 -33.92
N LYS A 13 19.19 12.69 -33.30
CA LYS A 13 20.32 13.38 -32.68
C LYS A 13 20.29 13.22 -31.16
N ASN A 14 19.46 12.30 -30.67
CA ASN A 14 19.32 11.98 -29.23
C ASN A 14 18.75 13.06 -28.33
N GLN A 15 18.17 14.11 -28.91
CA GLN A 15 17.55 15.18 -28.13
C GLN A 15 16.05 14.99 -27.97
N LEU A 16 15.58 15.07 -26.72
CA LEU A 16 14.17 14.84 -26.38
C LEU A 16 13.23 15.56 -27.33
N ILE A 17 12.16 14.86 -27.72
CA ILE A 17 11.15 15.45 -28.59
C ILE A 17 9.72 15.20 -28.07
N ALA A 18 9.56 14.19 -27.22
CA ALA A 18 8.26 13.88 -26.62
C ALA A 18 8.38 13.22 -25.26
N ASP A 19 7.41 13.51 -24.39
CA ASP A 19 7.31 12.85 -23.09
C ASP A 19 5.87 12.40 -22.90
N LEU A 20 5.67 11.09 -22.85
CA LEU A 20 4.32 10.52 -22.88
C LEU A 20 3.99 9.71 -21.64
N ASN B 4 3.01 15.50 -23.21
CA ASN B 4 2.99 16.55 -24.26
C ASN B 4 4.07 16.34 -25.34
N TYR B 5 3.77 16.80 -26.55
CA TYR B 5 4.59 16.57 -27.75
C TYR B 5 4.19 17.52 -28.88
N PRO B 6 5.11 17.82 -29.82
CA PRO B 6 4.76 18.76 -30.89
C PRO B 6 3.80 18.14 -31.90
N ALA B 7 3.02 18.98 -32.60
CA ALA B 7 1.96 18.49 -33.48
C ALA B 7 2.50 17.82 -34.75
N TYR B 8 3.58 18.35 -35.31
CA TYR B 8 4.16 17.82 -36.55
C TYR B 8 4.73 16.40 -36.41
N MET B 9 4.96 15.98 -35.17
CA MET B 9 5.47 14.66 -34.86
C MET B 9 4.39 13.60 -34.63
N ASP B 10 3.12 14.02 -34.66
CA ASP B 10 1.99 13.14 -34.31
C ASP B 10 1.98 11.84 -35.11
N ASN B 11 2.13 11.95 -36.42
CA ASN B 11 2.18 10.78 -37.30
C ASN B 11 3.36 9.86 -36.98
N TYR B 12 4.55 10.44 -36.88
CA TYR B 12 5.77 9.68 -36.66
C TYR B 12 5.72 8.90 -35.36
N LEU B 13 5.29 9.58 -34.30
CA LEU B 13 5.13 8.96 -32.98
C LEU B 13 4.15 7.78 -33.00
N LYS B 14 3.03 7.94 -33.71
CA LYS B 14 2.04 6.87 -33.81
C LYS B 14 2.65 5.58 -34.36
N GLU B 15 3.48 5.69 -35.39
CA GLU B 15 4.19 4.52 -35.94
C GLU B 15 5.24 3.97 -34.96
N VAL B 16 5.96 4.87 -34.29
CA VAL B 16 6.92 4.49 -33.24
C VAL B 16 6.24 3.64 -32.17
N ILE B 17 5.12 4.15 -31.63
CA ILE B 17 4.32 3.43 -30.65
C ILE B 17 3.93 2.05 -31.15
N ASN B 18 3.47 1.98 -32.40
CA ASN B 18 3.08 0.72 -33.01
C ASN B 18 4.27 -0.21 -33.22
N GLN B 19 5.42 0.35 -33.57
CA GLN B 19 6.61 -0.44 -33.87
C GLN B 19 7.35 -0.91 -32.63
N VAL B 20 7.25 -0.14 -31.55
CA VAL B 20 7.85 -0.56 -30.28
C VAL B 20 7.19 -1.83 -29.76
N GLU B 21 5.85 -1.85 -29.70
CA GLU B 21 5.15 -3.03 -29.18
C GLU B 21 5.16 -4.24 -30.12
N GLU B 22 5.39 -4.01 -31.41
CA GLU B 22 5.57 -5.11 -32.36
C GLU B 22 6.86 -5.88 -32.07
N GLU B 23 7.89 -5.17 -31.62
CA GLU B 23 9.20 -5.78 -31.37
C GLU B 23 9.40 -6.14 -29.90
N THR B 24 8.83 -5.34 -29.01
CA THR B 24 9.00 -5.54 -27.56
C THR B 24 7.79 -6.19 -26.90
N GLY B 25 6.60 -5.97 -27.47
CA GLY B 25 5.37 -6.46 -26.87
C GLY B 25 4.81 -5.46 -25.87
N TYR B 26 5.54 -4.35 -25.68
CA TYR B 26 5.17 -3.32 -24.69
C TYR B 26 4.67 -2.05 -25.34
N ASN B 27 3.54 -1.54 -24.84
CA ASN B 27 3.01 -0.26 -25.26
C ASN B 27 3.64 0.86 -24.42
N LEU B 28 4.37 1.77 -25.09
CA LEU B 28 5.14 2.77 -24.36
C LEU B 28 4.31 3.79 -23.58
N LEU B 29 3.00 3.79 -23.81
CA LEU B 29 2.10 4.70 -23.09
C LEU B 29 1.71 4.14 -21.72
N THR B 30 1.86 2.83 -21.56
CA THR B 30 1.49 2.15 -20.31
C THR B 30 2.72 1.63 -19.55
N THR B 31 3.88 1.66 -20.20
CA THR B 31 5.14 1.25 -19.60
C THR B 31 6.18 2.34 -19.80
N GLY B 32 6.90 2.67 -18.73
CA GLY B 32 7.96 3.66 -18.79
C GLY B 32 9.17 3.14 -19.56
N MET B 33 9.47 3.78 -20.68
CA MET B 33 10.70 3.49 -21.42
C MET B 33 11.14 4.69 -22.24
N ASP B 34 12.45 4.82 -22.42
CA ASP B 34 13.01 5.86 -23.27
C ASP B 34 13.26 5.29 -24.66
N VAL B 35 12.63 5.89 -25.67
CA VAL B 35 12.65 5.38 -27.03
C VAL B 35 13.40 6.35 -27.93
N TYR B 36 14.41 5.82 -28.63
CA TYR B 36 15.26 6.61 -29.51
C TYR B 36 14.92 6.30 -30.97
N THR B 37 14.56 7.34 -31.72
CA THR B 37 13.98 7.16 -33.05
C THR B 37 14.85 7.69 -34.20
N ASN B 38 14.45 7.32 -35.42
CA ASN B 38 15.18 7.65 -36.63
C ASN B 38 14.77 8.98 -37.27
N VAL B 39 13.84 9.70 -36.65
CA VAL B 39 13.32 10.93 -37.25
C VAL B 39 14.33 12.08 -37.22
N ASP B 40 14.68 12.57 -38.40
CA ASP B 40 15.45 13.80 -38.56
C ASP B 40 14.48 14.95 -38.32
N GLN B 41 14.57 15.53 -37.12
CA GLN B 41 13.68 16.59 -36.67
C GLN B 41 13.62 17.81 -37.60
N GLU B 42 14.77 18.21 -38.13
CA GLU B 42 14.83 19.36 -39.03
C GLU B 42 14.15 19.09 -40.36
N ALA B 43 14.36 17.88 -40.88
CA ALA B 43 13.73 17.45 -42.13
C ALA B 43 12.22 17.32 -41.97
N GLN B 44 11.80 16.84 -40.80
CA GLN B 44 10.39 16.60 -40.52
C GLN B 44 9.64 17.91 -40.36
N LYS B 45 10.30 18.90 -39.76
CA LYS B 45 9.77 20.26 -39.65
C LYS B 45 9.62 20.90 -41.03
N HIS B 46 10.57 20.61 -41.91
CA HIS B 46 10.56 21.18 -43.26
C HIS B 46 9.43 20.57 -44.08
N LEU B 47 9.18 19.29 -43.86
CA LEU B 47 8.04 18.62 -44.46
C LEU B 47 6.75 19.30 -44.01
N TRP B 48 6.67 19.61 -42.72
CA TRP B 48 5.52 20.30 -42.19
C TRP B 48 5.38 21.69 -42.79
N ASP B 49 6.51 22.39 -42.92
CA ASP B 49 6.53 23.70 -43.57
C ASP B 49 5.93 23.64 -44.99
N ILE B 50 6.29 22.60 -45.74
CA ILE B 50 5.84 22.42 -47.13
C ILE B 50 4.33 22.17 -47.23
N TYR B 51 3.82 21.34 -46.33
CA TYR B 51 2.40 21.01 -46.26
C TYR B 51 1.54 22.21 -45.88
N ASN B 52 1.99 22.93 -44.86
CA ASN B 52 1.09 23.82 -44.12
C ASN B 52 1.30 25.33 -44.27
N THR B 53 2.25 25.72 -45.12
CA THR B 53 2.47 27.13 -45.43
C THR B 53 2.35 27.36 -46.94
N ASP B 54 2.66 28.59 -47.35
CA ASP B 54 2.66 28.96 -48.76
C ASP B 54 4.08 29.00 -49.35
N GLU B 55 5.10 28.78 -48.51
CA GLU B 55 6.51 29.01 -48.90
C GLU B 55 6.99 28.15 -50.06
N TYR B 56 6.53 26.89 -50.11
CA TYR B 56 7.09 25.91 -51.04
C TYR B 56 6.16 25.47 -52.15
N VAL B 57 4.87 25.34 -51.85
CA VAL B 57 3.92 24.76 -52.81
C VAL B 57 2.63 25.58 -52.94
N ALA B 58 2.17 25.78 -54.17
CA ALA B 58 0.94 26.52 -54.44
C ALA B 58 -0.28 25.58 -54.48
N TYR B 59 -0.93 25.41 -53.33
CA TYR B 59 -2.08 24.51 -53.22
C TYR B 59 -3.33 25.17 -53.78
N PRO B 60 -4.26 24.38 -54.33
CA PRO B 60 -5.50 24.98 -54.82
C PRO B 60 -6.49 25.33 -53.71
N ASP B 61 -6.43 24.60 -52.59
CA ASP B 61 -7.35 24.80 -51.46
C ASP B 61 -6.85 24.06 -50.23
N ASP B 62 -7.45 24.36 -49.07
CA ASP B 62 -6.97 23.88 -47.78
C ASP B 62 -7.44 22.49 -47.34
N GLU B 63 -8.21 21.80 -48.18
CA GLU B 63 -8.63 20.45 -47.83
C GLU B 63 -7.95 19.37 -48.68
N LEU B 64 -7.19 19.80 -49.69
CA LEU B 64 -6.35 18.87 -50.47
C LEU B 64 -5.33 18.26 -49.55
N GLN B 65 -5.26 16.94 -49.57
CA GLN B 65 -4.42 16.19 -48.65
C GLN B 65 -3.13 15.71 -49.29
N VAL B 66 -2.10 15.61 -48.44
CA VAL B 66 -0.79 15.09 -48.82
C VAL B 66 -0.36 14.09 -47.74
N ALA B 67 0.07 12.89 -48.16
CA ALA B 67 0.73 11.94 -47.29
C ALA B 67 2.02 11.44 -47.95
N SER B 68 3.10 11.37 -47.18
CA SER B 68 4.41 11.00 -47.74
C SER B 68 5.34 10.43 -46.69
N THR B 69 6.24 9.55 -47.11
CA THR B 69 7.29 9.03 -46.25
C THR B 69 8.64 9.20 -46.93
N ILE B 70 9.64 9.68 -46.18
CA ILE B 70 11.01 9.78 -46.68
C ILE B 70 11.86 8.75 -45.98
N VAL B 71 12.64 8.00 -46.77
CA VAL B 71 13.45 6.90 -46.24
C VAL B 71 14.93 7.06 -46.59
N ASP B 72 15.81 6.74 -45.63
CA ASP B 72 17.24 6.64 -45.89
C ASP B 72 17.54 5.33 -46.60
N VAL B 73 17.99 5.46 -47.84
CA VAL B 73 18.15 4.36 -48.79
C VAL B 73 19.16 3.28 -48.36
N SER B 74 20.06 3.61 -47.45
CA SER B 74 21.10 2.68 -47.03
C SER B 74 20.68 1.72 -45.91
N ASN B 75 19.62 2.07 -45.18
CA ASN B 75 19.24 1.33 -43.97
C ASN B 75 17.73 1.15 -43.76
N GLY B 76 16.91 1.88 -44.53
CA GLY B 76 15.46 1.77 -44.43
C GLY B 76 14.87 2.51 -43.24
N LYS B 77 15.67 3.42 -42.68
CA LYS B 77 15.23 4.30 -41.61
C LYS B 77 14.30 5.35 -42.20
N VAL B 78 13.10 5.44 -41.63
CA VAL B 78 12.15 6.47 -42.02
C VAL B 78 12.59 7.76 -41.33
N ILE B 79 12.99 8.76 -42.11
CA ILE B 79 13.53 9.98 -41.54
C ILE B 79 12.50 11.12 -41.45
N ALA B 80 11.40 10.98 -42.18
CA ALA B 80 10.28 11.91 -42.11
C ALA B 80 8.99 11.23 -42.57
N GLN B 81 7.87 11.69 -42.01
CA GLN B 81 6.55 11.19 -42.38
C GLN B 81 5.48 12.17 -41.90
N LEU B 82 4.61 12.60 -42.81
CA LEU B 82 3.46 13.40 -42.43
C LEU B 82 2.25 12.93 -43.22
N GLY B 83 1.21 12.48 -42.50
CA GLY B 83 0.06 11.84 -43.11
C GLY B 83 -1.09 12.73 -43.54
N ALA B 84 -1.06 13.99 -43.11
CA ALA B 84 -2.14 14.92 -43.43
C ALA B 84 -1.65 16.36 -43.40
N ARG B 85 -2.41 17.25 -44.01
CA ARG B 85 -2.15 18.68 -43.86
C ARG B 85 -3.40 19.48 -43.50
N HIS B 86 -3.21 20.50 -42.66
CA HIS B 86 -4.30 21.31 -42.09
C HIS B 86 -5.37 20.48 -41.34
N GLN B 87 -5.02 20.04 -40.12
CA GLN B 87 -5.90 19.19 -39.31
C GLN B 87 -6.36 19.87 -38.02
N SER B 88 -7.45 20.62 -38.12
CA SER B 88 -8.03 21.36 -36.98
C SER B 88 -8.88 20.46 -36.06
N SER B 89 -8.33 19.30 -35.71
CA SER B 89 -9.05 18.33 -34.84
C SER B 89 -8.07 17.46 -34.04
N ASN B 90 -7.54 18.07 -32.97
CA ASN B 90 -6.44 17.48 -32.20
C ASN B 90 -6.80 16.31 -31.28
N VAL B 91 -7.17 15.18 -31.89
CA VAL B 91 -7.18 13.89 -31.21
C VAL B 91 -5.80 13.25 -31.43
N SER B 92 -5.19 12.74 -30.36
CA SER B 92 -3.83 12.23 -30.40
C SER B 92 -3.71 10.89 -31.12
N PHE B 93 -2.72 10.80 -32.00
CA PHE B 93 -2.38 9.59 -32.76
C PHE B 93 -3.54 9.02 -33.58
N GLY B 94 -4.12 9.89 -34.41
CA GLY B 94 -5.23 9.51 -35.28
C GLY B 94 -4.79 8.71 -36.50
N ILE B 95 -5.68 8.60 -37.47
CA ILE B 95 -5.40 7.84 -38.69
C ILE B 95 -4.18 8.45 -39.38
N ASN B 96 -3.13 7.66 -39.53
CA ASN B 96 -1.96 8.08 -40.28
C ASN B 96 -2.05 7.58 -41.71
N GLN B 97 -2.45 8.48 -42.61
CA GLN B 97 -2.65 8.14 -44.03
C GLN B 97 -1.36 7.68 -44.73
N ALA B 98 -0.20 8.06 -44.19
CA ALA B 98 1.09 7.68 -44.76
C ALA B 98 1.40 6.18 -44.70
N VAL B 99 0.82 5.46 -43.74
CA VAL B 99 0.93 4.01 -43.71
C VAL B 99 -0.32 3.29 -44.21
N GLU B 100 -1.36 4.07 -44.54
CA GLU B 100 -2.61 3.51 -45.06
C GLU B 100 -2.48 3.07 -46.50
N THR B 101 -3.02 1.88 -46.78
CA THR B 101 -2.94 1.27 -48.10
C THR B 101 -4.27 1.28 -48.85
N ASN B 102 -5.19 2.15 -48.47
CA ASN B 102 -6.53 2.15 -49.08
C ASN B 102 -6.77 3.14 -50.22
N ARG B 103 -5.72 3.84 -50.64
CA ARG B 103 -5.81 4.65 -51.84
C ARG B 103 -4.96 4.02 -52.95
N ASP B 104 -5.51 4.03 -54.16
CA ASP B 104 -4.89 3.42 -55.33
C ASP B 104 -3.62 4.17 -55.77
N TRP B 105 -2.49 3.47 -55.73
CA TRP B 105 -1.22 4.06 -56.14
C TRP B 105 -0.97 4.03 -57.65
N GLY B 106 -1.96 3.54 -58.41
CA GLY B 106 -1.95 3.60 -59.88
C GLY B 106 -0.66 3.20 -60.56
N SER B 107 -0.13 4.11 -61.37
CA SER B 107 1.01 3.82 -62.26
C SER B 107 2.35 3.64 -61.53
N THR B 108 2.41 4.02 -60.26
CA THR B 108 3.63 3.82 -59.49
C THR B 108 3.90 2.33 -59.22
N MET B 109 2.86 1.51 -59.44
CA MET B 109 2.99 0.06 -59.33
C MET B 109 3.75 -0.55 -60.52
N LYS B 110 3.76 0.15 -61.65
CA LYS B 110 4.40 -0.37 -62.88
C LYS B 110 5.87 -0.78 -62.74
N PRO B 111 6.74 0.13 -62.25
CA PRO B 111 8.14 -0.25 -62.11
C PRO B 111 8.37 -1.50 -61.26
N ILE B 112 7.69 -1.60 -60.13
CA ILE B 112 7.90 -2.71 -59.18
C ILE B 112 7.14 -4.00 -59.49
N THR B 113 6.00 -3.90 -60.18
CA THR B 113 5.17 -5.08 -60.46
C THR B 113 5.44 -5.67 -61.84
N ASP B 114 5.85 -4.81 -62.78
CA ASP B 114 5.91 -5.21 -64.19
C ASP B 114 7.31 -5.19 -64.80
N TYR B 115 7.87 -4.00 -64.95
CA TYR B 115 9.10 -3.79 -65.69
C TYR B 115 10.39 -4.30 -65.01
N ALA B 116 10.50 -4.13 -63.70
CA ALA B 116 11.64 -4.70 -62.97
C ALA B 116 11.64 -6.23 -63.00
N PRO B 117 10.50 -6.88 -62.66
CA PRO B 117 10.46 -8.35 -62.73
C PRO B 117 10.81 -8.88 -64.12
N ALA B 118 10.31 -8.21 -65.15
CA ALA B 118 10.58 -8.57 -66.55
C ALA B 118 12.08 -8.54 -66.84
N LEU B 119 12.77 -7.58 -66.25
CA LEU B 119 14.21 -7.45 -66.40
C LEU B 119 14.94 -8.48 -65.53
N GLU B 120 14.47 -8.64 -64.29
CA GLU B 120 15.07 -9.59 -63.36
C GLU B 120 15.03 -11.02 -63.89
N TYR B 121 13.84 -11.46 -64.29
CA TYR B 121 13.67 -12.84 -64.74
C TYR B 121 13.97 -13.00 -66.23
N GLY B 122 14.55 -11.95 -66.83
CA GLY B 122 15.06 -12.00 -68.21
C GLY B 122 13.98 -12.19 -69.26
N VAL B 123 12.88 -11.47 -69.12
CA VAL B 123 11.83 -11.43 -70.13
C VAL B 123 12.21 -10.39 -71.19
N TYR B 124 12.73 -9.25 -70.74
CA TYR B 124 13.36 -8.28 -71.64
C TYR B 124 14.87 -8.25 -71.37
N ASP B 125 15.63 -7.73 -72.33
CA ASP B 125 17.10 -7.76 -72.26
C ASP B 125 17.74 -6.38 -72.25
N SER B 126 16.98 -5.36 -72.66
CA SER B 126 17.48 -4.00 -72.64
C SER B 126 16.36 -2.99 -72.47
N THR B 127 16.74 -1.77 -72.13
CA THR B 127 15.81 -0.65 -72.05
C THR B 127 15.33 -0.21 -73.44
N ALA B 128 15.91 -0.82 -74.48
CA ALA B 128 15.53 -0.51 -75.87
C ALA B 128 14.57 -1.54 -76.49
N THR B 129 14.42 -2.69 -75.83
CA THR B 129 13.51 -3.75 -76.27
C THR B 129 12.19 -3.15 -76.78
N ILE B 130 11.84 -3.51 -78.01
CA ILE B 130 10.58 -3.04 -78.59
C ILE B 130 9.38 -3.72 -77.92
N VAL B 131 8.60 -2.90 -77.23
CA VAL B 131 7.41 -3.35 -76.52
C VAL B 131 6.17 -2.84 -77.29
N HIS B 132 4.97 -3.33 -76.94
CA HIS B 132 3.78 -3.12 -77.79
C HIS B 132 2.63 -2.34 -77.15
N ASP B 133 2.30 -1.19 -77.75
CA ASP B 133 1.15 -0.37 -77.35
C ASP B 133 0.05 -0.44 -78.40
N GLU B 134 -0.63 -1.57 -78.45
CA GLU B 134 -1.69 -1.82 -79.41
C GLU B 134 -2.99 -2.15 -78.67
N PRO B 135 -4.14 -2.06 -79.38
CA PRO B 135 -5.37 -2.55 -78.75
C PRO B 135 -5.10 -3.89 -78.07
N TYR B 136 -5.56 -4.03 -76.83
CA TYR B 136 -5.20 -5.18 -76.00
C TYR B 136 -6.20 -5.41 -74.88
N ASN B 137 -6.51 -6.68 -74.66
CA ASN B 137 -7.42 -7.06 -73.58
C ASN B 137 -6.70 -7.69 -72.40
N TYR B 138 -7.25 -7.49 -71.21
CA TYR B 138 -6.77 -8.16 -70.01
C TYR B 138 -6.84 -9.65 -70.30
N PRO B 139 -5.71 -10.37 -70.20
CA PRO B 139 -5.68 -11.79 -70.56
C PRO B 139 -6.86 -12.58 -69.99
N GLY B 140 -7.51 -13.35 -70.86
CA GLY B 140 -8.69 -14.14 -70.50
C GLY B 140 -9.95 -13.33 -70.24
N THR B 141 -10.09 -12.20 -70.94
CA THR B 141 -11.24 -11.30 -70.75
C THR B 141 -11.50 -10.48 -72.02
N ASN B 142 -12.69 -9.89 -72.10
CA ASN B 142 -13.06 -9.00 -73.20
C ASN B 142 -12.97 -7.52 -72.84
N THR B 143 -12.42 -7.21 -71.66
CA THR B 143 -12.26 -5.81 -71.23
C THR B 143 -10.94 -5.23 -71.76
N PRO B 144 -11.04 -4.11 -72.49
CA PRO B 144 -9.84 -3.50 -73.06
C PRO B 144 -9.00 -2.80 -72.00
N VAL B 145 -7.69 -2.86 -72.18
CA VAL B 145 -6.76 -2.04 -71.42
C VAL B 145 -6.64 -0.73 -72.19
N TYR B 146 -7.26 0.32 -71.67
CA TYR B 146 -7.19 1.62 -72.32
C TYR B 146 -5.98 2.41 -71.85
N ASN B 147 -5.41 3.19 -72.76
CA ASN B 147 -4.47 4.22 -72.35
C ASN B 147 -5.24 5.45 -71.90
N TRP B 148 -4.56 6.38 -71.24
CA TRP B 148 -5.21 7.59 -70.73
C TRP B 148 -5.86 8.41 -71.84
N ASP B 149 -5.22 8.45 -73.00
CA ASP B 149 -5.70 9.20 -74.17
C ASP B 149 -6.59 8.37 -75.09
N ARG B 150 -6.91 7.15 -74.68
CA ARG B 150 -7.64 6.18 -75.51
C ARG B 150 -6.92 5.85 -76.83
N GLY B 151 -5.71 6.37 -77.01
CA GLY B 151 -4.93 6.13 -78.21
C GLY B 151 -3.94 5.01 -78.02
N TYR B 152 -3.15 4.73 -79.06
CA TYR B 152 -2.15 3.65 -79.01
C TYR B 152 -0.89 4.07 -79.78
N PHE B 153 0.25 4.00 -79.11
CA PHE B 153 1.51 4.48 -79.72
C PHE B 153 2.12 3.50 -80.71
N GLY B 154 1.80 2.22 -80.56
CA GLY B 154 2.33 1.17 -81.42
C GLY B 154 3.66 0.62 -80.93
N ASN B 155 4.56 0.36 -81.87
CA ASN B 155 5.87 -0.19 -81.56
C ASN B 155 6.82 0.85 -80.96
N ILE B 156 7.14 0.66 -79.69
CA ILE B 156 7.93 1.60 -78.91
C ILE B 156 8.93 0.87 -78.01
N THR B 157 9.96 1.58 -77.57
CA THR B 157 10.95 1.02 -76.67
C THR B 157 10.36 0.87 -75.27
N LEU B 158 10.96 -0.05 -74.51
CA LEU B 158 10.62 -0.21 -73.09
C LEU B 158 10.70 1.15 -72.40
N GLN B 159 11.86 1.80 -72.51
CA GLN B 159 12.11 3.11 -71.91
C GLN B 159 10.96 4.09 -72.16
N TYR B 160 10.60 4.28 -73.43
CA TYR B 160 9.55 5.21 -73.82
C TYR B 160 8.18 4.82 -73.24
N ALA B 161 7.94 3.52 -73.11
CA ALA B 161 6.70 2.99 -72.54
C ALA B 161 6.53 3.45 -71.10
N LEU B 162 7.54 3.18 -70.28
CA LEU B 162 7.54 3.58 -68.87
C LEU B 162 7.48 5.10 -68.73
N GLN B 163 8.21 5.78 -69.60
CA GLN B 163 8.35 7.24 -69.55
C GLN B 163 7.02 7.96 -69.84
N GLN B 164 6.33 7.52 -70.88
CA GLN B 164 5.02 8.06 -71.22
C GLN B 164 3.90 7.45 -70.39
N SER B 165 4.25 6.42 -69.61
CA SER B 165 3.33 5.70 -68.75
C SER B 165 2.15 5.11 -69.52
N ARG B 166 2.46 4.25 -70.47
CA ARG B 166 1.44 3.57 -71.25
C ARG B 166 0.94 2.36 -70.47
N ASN B 167 -0.33 2.01 -70.66
CA ASN B 167 -0.92 0.93 -69.90
C ASN B 167 -0.79 -0.44 -70.53
N VAL B 168 -1.05 -0.53 -71.84
CA VAL B 168 -0.97 -1.82 -72.54
C VAL B 168 0.36 -2.55 -72.32
N PRO B 169 1.52 -1.93 -72.68
CA PRO B 169 2.79 -2.62 -72.48
C PRO B 169 3.02 -3.09 -71.03
N ALA B 170 2.52 -2.32 -70.06
CA ALA B 170 2.59 -2.71 -68.65
C ALA B 170 1.82 -4.01 -68.35
N VAL B 171 0.56 -4.06 -68.75
CA VAL B 171 -0.29 -5.22 -68.50
C VAL B 171 0.24 -6.44 -69.26
N GLU B 172 0.60 -6.25 -70.52
CA GLU B 172 1.18 -7.34 -71.32
C GLU B 172 2.45 -7.88 -70.69
N THR B 173 3.27 -6.97 -70.14
CA THR B 173 4.48 -7.34 -69.42
C THR B 173 4.16 -8.19 -68.19
N LEU B 174 3.12 -7.84 -67.45
CA LEU B 174 2.71 -8.62 -66.27
C LEU B 174 2.29 -10.04 -66.67
N ASN B 175 1.71 -10.16 -67.86
CA ASN B 175 1.34 -11.46 -68.39
C ASN B 175 2.55 -12.30 -68.77
N LYS B 176 3.62 -11.65 -69.22
CA LYS B 176 4.85 -12.35 -69.65
C LYS B 176 5.75 -12.77 -68.49
N VAL B 177 5.82 -11.93 -67.46
CA VAL B 177 6.48 -12.27 -66.19
C VAL B 177 5.68 -13.38 -65.48
N GLY B 178 4.35 -13.22 -65.47
CA GLY B 178 3.45 -14.17 -64.82
C GLY B 178 3.07 -13.69 -63.43
N LEU B 179 1.83 -13.94 -63.04
CA LEU B 179 1.30 -13.43 -61.78
C LEU B 179 2.03 -13.94 -60.53
N ASN B 180 2.26 -15.25 -60.44
CA ASN B 180 2.99 -15.80 -59.30
C ASN B 180 4.40 -15.24 -59.14
N ARG B 181 5.13 -15.19 -60.26
CA ARG B 181 6.49 -14.67 -60.31
C ARG B 181 6.55 -13.20 -59.87
N ALA B 182 5.57 -12.43 -60.31
CA ALA B 182 5.44 -11.03 -59.93
C ALA B 182 5.09 -10.83 -58.46
N LYS B 183 4.21 -11.69 -57.93
CA LYS B 183 3.81 -11.66 -56.53
C LYS B 183 5.04 -11.86 -55.64
N THR B 184 5.86 -12.83 -56.00
CA THR B 184 7.10 -13.14 -55.30
C THR B 184 8.05 -11.93 -55.33
N PHE B 185 8.10 -11.25 -56.47
CA PHE B 185 8.96 -10.08 -56.58
C PHE B 185 8.49 -8.96 -55.65
N LEU B 186 7.19 -8.68 -55.68
CA LEU B 186 6.59 -7.69 -54.79
C LEU B 186 6.79 -8.00 -53.30
N ASN B 187 6.70 -9.28 -52.92
CA ASN B 187 6.93 -9.70 -51.54
C ASN B 187 8.34 -9.33 -51.07
N GLY B 188 9.32 -9.52 -51.94
CA GLY B 188 10.72 -9.17 -51.67
C GLY B 188 10.94 -7.69 -51.48
N LEU B 189 9.95 -6.89 -51.88
CA LEU B 189 9.98 -5.43 -51.73
C LEU B 189 8.99 -4.93 -50.69
N GLY B 190 8.51 -5.84 -49.84
CA GLY B 190 7.64 -5.47 -48.73
C GLY B 190 6.17 -5.25 -49.08
N ILE B 191 5.78 -5.72 -50.26
CA ILE B 191 4.42 -5.52 -50.74
C ILE B 191 3.70 -6.84 -51.01
N ASP B 192 2.49 -6.99 -50.48
CA ASP B 192 1.72 -8.19 -50.74
C ASP B 192 0.28 -7.89 -51.13
N TYR B 193 -0.33 -8.86 -51.82
CA TYR B 193 -1.77 -8.89 -52.05
C TYR B 193 -2.27 -10.26 -51.57
N PRO B 194 -3.55 -10.33 -51.14
CA PRO B 194 -4.10 -11.65 -50.83
C PRO B 194 -4.20 -12.44 -52.12
N SER B 195 -4.74 -11.79 -53.15
CA SER B 195 -4.80 -12.33 -54.49
C SER B 195 -4.30 -11.25 -55.48
N ILE B 196 -3.48 -11.65 -56.46
CA ILE B 196 -3.03 -10.72 -57.50
C ILE B 196 -3.75 -10.93 -58.83
N HIS B 197 -4.08 -9.84 -59.51
CA HIS B 197 -4.80 -9.90 -60.78
C HIS B 197 -4.19 -8.92 -61.76
N TYR B 198 -4.47 -9.10 -63.04
CA TYR B 198 -3.83 -8.30 -64.09
C TYR B 198 -4.07 -6.81 -63.97
N SER B 199 -5.15 -6.42 -63.31
CA SER B 199 -5.43 -5.00 -63.08
C SER B 199 -4.38 -4.39 -62.16
N ASN B 200 -3.68 -5.24 -61.40
CA ASN B 200 -2.59 -4.82 -60.53
C ASN B 200 -1.31 -4.40 -61.24
N ALA B 201 -1.29 -4.55 -62.57
CA ALA B 201 -0.18 -4.03 -63.36
C ALA B 201 -0.21 -2.51 -63.34
N ILE B 202 -1.39 -1.94 -63.13
CA ILE B 202 -1.58 -0.50 -63.14
C ILE B 202 -2.37 0.01 -61.92
N SER B 203 -2.37 -0.78 -60.85
CA SER B 203 -3.20 -0.45 -59.67
C SER B 203 -2.71 -1.19 -58.43
N SER B 204 -2.69 -0.48 -57.30
CA SER B 204 -2.42 -1.12 -56.01
C SER B 204 -3.74 -1.53 -55.35
N ASN B 205 -4.80 -1.53 -56.15
CA ASN B 205 -6.12 -1.84 -55.67
C ASN B 205 -6.23 -3.28 -55.18
N THR B 206 -6.75 -3.44 -53.97
CA THR B 206 -6.75 -4.73 -53.29
C THR B 206 -8.07 -4.99 -52.57
N THR B 207 -8.26 -6.21 -52.06
CA THR B 207 -9.51 -6.60 -51.41
C THR B 207 -9.51 -6.33 -49.89
N GLU B 208 -8.38 -6.59 -49.23
CA GLU B 208 -8.31 -6.45 -47.76
C GLU B 208 -7.86 -5.07 -47.28
N SER B 209 -6.56 -4.81 -47.36
CA SER B 209 -5.92 -3.59 -46.83
C SER B 209 -6.19 -3.38 -45.33
N ASP B 210 -6.66 -4.44 -44.66
CA ASP B 210 -6.79 -4.47 -43.21
C ASP B 210 -5.44 -4.23 -42.57
N LYS B 211 -4.42 -4.83 -43.17
CA LYS B 211 -3.06 -4.75 -42.66
C LYS B 211 -2.06 -4.29 -43.72
N LYS B 212 -1.28 -5.25 -44.22
CA LYS B 212 -0.13 -4.95 -45.04
C LYS B 212 -0.45 -4.90 -46.53
N TYR B 213 -1.68 -5.24 -46.88
CA TYR B 213 -2.02 -5.44 -48.28
C TYR B 213 -2.18 -4.13 -49.05
N GLY B 214 -1.54 -4.08 -50.21
CA GLY B 214 -1.57 -2.89 -51.05
C GLY B 214 -0.32 -2.03 -50.87
N ALA B 215 -0.46 -0.76 -51.19
CA ALA B 215 0.66 0.17 -51.18
C ALA B 215 0.33 1.46 -50.43
N SER B 216 1.24 1.85 -49.55
CA SER B 216 1.22 3.13 -48.89
C SER B 216 2.51 3.87 -49.23
N SER B 217 2.55 5.17 -48.96
CA SER B 217 3.76 5.98 -49.13
C SER B 217 4.94 5.35 -48.40
N GLU B 218 4.63 4.70 -47.28
CA GLU B 218 5.60 3.97 -46.48
C GLU B 218 6.19 2.81 -47.26
N LYS B 219 5.32 2.02 -47.87
CA LYS B 219 5.75 0.78 -48.54
C LYS B 219 6.45 1.11 -49.84
N MET B 220 5.92 2.10 -50.56
CA MET B 220 6.52 2.57 -51.81
C MET B 220 7.89 3.19 -51.59
N ALA B 221 8.03 3.98 -50.53
CA ALA B 221 9.31 4.56 -50.20
C ALA B 221 10.34 3.44 -50.01
N ALA B 222 9.96 2.43 -49.22
CA ALA B 222 10.81 1.26 -48.98
C ALA B 222 11.10 0.47 -50.25
N ALA B 223 10.07 0.31 -51.09
CA ALA B 223 10.20 -0.44 -52.35
C ALA B 223 11.15 0.24 -53.32
N TYR B 224 11.01 1.55 -53.48
CA TYR B 224 11.85 2.32 -54.40
C TYR B 224 13.29 2.46 -53.91
N ALA B 225 13.45 2.53 -52.58
CA ALA B 225 14.78 2.58 -51.95
C ALA B 225 15.69 1.46 -52.44
N ALA B 226 15.10 0.32 -52.79
CA ALA B 226 15.84 -0.80 -53.37
C ALA B 226 16.47 -0.43 -54.70
N PHE B 227 15.70 0.23 -55.57
CA PHE B 227 16.26 0.70 -56.84
C PHE B 227 17.46 1.59 -56.58
N ALA B 228 17.37 2.41 -55.54
CA ALA B 228 18.37 3.43 -55.26
C ALA B 228 19.72 2.86 -54.82
N ASN B 229 19.69 1.72 -54.11
CA ASN B 229 20.88 1.17 -53.46
C ASN B 229 21.46 -0.07 -54.14
N GLY B 230 21.08 -0.30 -55.38
CA GLY B 230 21.55 -1.48 -56.10
C GLY B 230 20.74 -2.74 -55.82
N GLY B 231 19.54 -2.57 -55.24
CA GLY B 231 18.56 -3.65 -55.17
C GLY B 231 18.43 -4.42 -53.87
N THR B 232 18.60 -3.73 -52.75
CA THR B 232 18.39 -4.34 -51.43
C THR B 232 17.21 -3.68 -50.74
N TYR B 233 16.33 -4.50 -50.16
CA TYR B 233 15.16 -4.00 -49.44
C TYR B 233 15.40 -3.94 -47.93
N TYR B 234 15.03 -2.81 -47.31
CA TYR B 234 15.05 -2.69 -45.85
C TYR B 234 13.64 -2.42 -45.33
N LYS B 235 13.30 -3.05 -44.22
CA LYS B 235 12.02 -2.80 -43.54
C LYS B 235 12.00 -1.39 -42.97
N PRO B 236 10.95 -0.61 -43.28
CA PRO B 236 10.81 0.72 -42.69
C PRO B 236 11.05 0.66 -41.18
N MET B 237 12.02 1.45 -40.69
CA MET B 237 12.36 1.48 -39.26
C MET B 237 12.19 2.88 -38.69
N TYR B 238 11.41 2.97 -37.61
CA TYR B 238 11.14 4.23 -36.93
C TYR B 238 11.92 4.30 -35.62
N ILE B 239 12.27 3.13 -35.09
CA ILE B 239 12.94 3.02 -33.80
C ILE B 239 14.38 2.49 -33.93
N HIS B 240 15.28 3.13 -33.21
CA HIS B 240 16.70 2.78 -33.21
C HIS B 240 17.10 2.01 -31.96
N LYS B 241 16.58 2.44 -30.81
CA LYS B 241 16.98 1.89 -29.51
C LYS B 241 15.90 2.14 -28.45
N VAL B 242 15.60 1.09 -27.67
CA VAL B 242 14.74 1.23 -26.50
C VAL B 242 15.53 0.94 -25.23
N VAL B 243 15.37 1.79 -24.23
CA VAL B 243 15.88 1.51 -22.88
C VAL B 243 14.73 1.41 -21.88
N PHE B 244 14.64 0.26 -21.21
CA PHE B 244 13.52 -0.07 -20.32
C PHE B 244 13.67 0.51 -18.92
N SER B 245 12.54 0.68 -18.23
CA SER B 245 12.51 1.22 -16.87
C SER B 245 13.51 0.51 -15.95
N ASP B 246 13.70 -0.78 -16.17
CA ASP B 246 14.61 -1.60 -15.37
C ASP B 246 16.05 -1.64 -15.93
N GLY B 247 16.43 -0.61 -16.67
CA GLY B 247 17.82 -0.46 -17.13
C GLY B 247 18.25 -1.24 -18.38
N SER B 248 17.45 -2.23 -18.79
CA SER B 248 17.74 -3.02 -20.00
C SER B 248 17.73 -2.15 -21.26
N GLU B 249 18.56 -2.52 -22.23
CA GLU B 249 18.57 -1.80 -23.51
C GLU B 249 18.56 -2.76 -24.69
N LYS B 250 17.73 -2.47 -25.67
CA LYS B 250 17.61 -3.27 -26.87
C LYS B 250 17.80 -2.38 -28.09
N GLU B 251 18.84 -2.67 -28.87
CA GLU B 251 19.18 -1.88 -30.05
C GLU B 251 18.75 -2.61 -31.31
N PHE B 252 18.15 -1.88 -32.23
CA PHE B 252 17.65 -2.47 -33.47
C PHE B 252 18.60 -2.17 -34.62
N SER B 253 19.31 -3.21 -35.05
CA SER B 253 20.14 -3.15 -36.24
C SER B 253 19.30 -3.46 -37.47
N ASN B 254 19.51 -2.69 -38.52
CA ASN B 254 18.73 -2.82 -39.75
C ASN B 254 19.46 -3.62 -40.83
N VAL B 255 19.02 -4.87 -41.03
CA VAL B 255 19.61 -5.75 -42.03
C VAL B 255 18.67 -5.89 -43.22
N GLY B 256 19.25 -5.95 -44.42
CA GLY B 256 18.47 -5.98 -45.66
C GLY B 256 18.46 -7.31 -46.38
N THR B 257 17.60 -7.39 -47.39
CA THR B 257 17.51 -8.57 -48.23
C THR B 257 17.62 -8.16 -49.68
N ARG B 258 18.41 -8.93 -50.44
CA ARG B 258 18.53 -8.82 -51.89
C ARG B 258 17.15 -8.99 -52.51
N ALA B 259 16.68 -7.95 -53.18
CA ALA B 259 15.35 -7.93 -53.80
C ALA B 259 15.42 -8.02 -55.32
N MET B 260 16.57 -7.68 -55.88
CA MET B 260 16.81 -7.75 -57.33
C MET B 260 18.31 -7.64 -57.63
N LYS B 261 18.72 -8.14 -58.78
CA LYS B 261 20.11 -8.02 -59.23
C LYS B 261 20.42 -6.54 -59.44
N GLU B 262 21.67 -6.16 -59.19
CA GLU B 262 22.12 -4.78 -59.31
C GLU B 262 21.90 -4.21 -60.72
N THR B 263 21.99 -5.06 -61.73
CA THR B 263 21.73 -4.67 -63.12
C THR B 263 20.28 -4.29 -63.33
N THR B 264 19.36 -5.02 -62.70
CA THR B 264 17.92 -4.69 -62.75
C THR B 264 17.69 -3.31 -62.15
N ALA B 265 18.19 -3.13 -60.93
CA ALA B 265 18.14 -1.83 -60.27
C ALA B 265 18.61 -0.71 -61.20
N TYR B 266 19.83 -0.86 -61.73
CA TYR B 266 20.42 0.18 -62.56
C TYR B 266 19.56 0.52 -63.78
N MET B 267 19.08 -0.52 -64.46
CA MET B 267 18.27 -0.37 -65.66
C MET B 267 16.96 0.34 -65.38
N MET B 268 16.31 -0.04 -64.29
CA MET B 268 15.11 0.65 -63.85
C MET B 268 15.37 2.12 -63.59
N THR B 269 16.41 2.41 -62.82
CA THR B 269 16.83 3.78 -62.51
C THR B 269 17.06 4.58 -63.80
N ASP B 270 17.84 4.00 -64.71
CA ASP B 270 18.20 4.68 -65.94
C ASP B 270 16.99 5.09 -66.78
N MET B 271 15.97 4.23 -66.81
CA MET B 271 14.71 4.55 -67.49
C MET B 271 13.91 5.61 -66.74
N MET B 272 13.86 5.48 -65.43
CA MET B 272 13.09 6.38 -64.58
C MET B 272 13.71 7.76 -64.45
N LYS B 273 14.97 7.88 -64.85
CA LYS B 273 15.61 9.19 -64.98
C LYS B 273 14.87 10.03 -66.02
N THR B 274 14.40 9.39 -67.09
CA THR B 274 13.77 10.09 -68.20
C THR B 274 12.32 10.51 -67.91
N VAL B 275 11.66 9.81 -66.99
CA VAL B 275 10.32 10.21 -66.56
C VAL B 275 10.35 11.68 -66.16
N LEU B 276 11.36 12.05 -65.39
CA LEU B 276 11.54 13.42 -64.92
C LEU B 276 11.98 14.39 -66.03
N SER B 277 12.89 13.95 -66.89
CA SER B 277 13.44 14.80 -67.94
C SER B 277 12.53 14.95 -69.16
N TYR B 278 12.14 13.83 -69.75
CA TYR B 278 11.35 13.82 -70.98
C TYR B 278 9.89 13.39 -70.82
N GLY B 279 9.53 12.90 -69.63
CA GLY B 279 8.22 12.25 -69.47
C GLY B 279 7.18 12.97 -68.64
N THR B 280 6.43 12.18 -67.88
CA THR B 280 5.32 12.66 -67.08
C THR B 280 5.73 13.28 -65.75
N GLY B 281 7.02 13.19 -65.41
CA GLY B 281 7.50 13.63 -64.10
C GLY B 281 8.19 14.97 -64.06
N GLN B 282 7.90 15.82 -65.04
CA GLN B 282 8.70 17.02 -65.29
C GLN B 282 8.61 18.12 -64.23
N ASN B 283 7.63 18.02 -63.34
CA ASN B 283 7.47 18.98 -62.24
C ASN B 283 8.34 18.62 -61.03
N ALA B 284 9.15 17.57 -61.17
CA ALA B 284 10.06 17.12 -60.11
C ALA B 284 11.53 17.24 -60.56
N TYR B 285 11.72 17.59 -61.83
CA TYR B 285 13.03 17.68 -62.45
C TYR B 285 13.94 18.67 -61.75
N LEU B 286 15.20 18.26 -61.54
CA LEU B 286 16.23 19.12 -60.96
C LEU B 286 17.56 18.86 -61.66
N ALA B 287 18.06 19.89 -62.34
CA ALA B 287 19.25 19.80 -63.21
C ALA B 287 20.51 19.28 -62.52
N TRP B 288 20.64 19.59 -61.24
CA TRP B 288 21.83 19.29 -60.44
C TRP B 288 21.72 17.99 -59.62
N LEU B 289 20.56 17.33 -59.68
CA LEU B 289 20.31 16.17 -58.81
C LEU B 289 20.04 14.87 -59.57
N PRO B 290 21.01 13.93 -59.55
CA PRO B 290 20.78 12.59 -60.08
C PRO B 290 19.69 11.89 -59.27
N GLN B 291 18.50 11.81 -59.87
CA GLN B 291 17.33 11.23 -59.23
C GLN B 291 16.46 10.53 -60.26
N ALA B 292 15.67 9.56 -59.80
CA ALA B 292 14.73 8.86 -60.66
C ALA B 292 13.35 8.84 -59.99
N GLY B 293 12.30 8.59 -60.78
CA GLY B 293 10.95 8.54 -60.23
C GLY B 293 9.85 8.15 -61.18
N LYS B 294 8.68 7.86 -60.63
CA LYS B 294 7.50 7.51 -61.42
C LYS B 294 6.29 8.28 -60.92
N THR B 295 5.51 8.82 -61.85
CA THR B 295 4.25 9.48 -61.54
C THR B 295 3.10 8.47 -61.49
N GLY B 296 1.95 8.95 -61.05
CA GLY B 296 0.77 8.12 -60.92
C GLY B 296 -0.48 8.95 -60.84
N THR B 297 -1.47 8.57 -61.64
CA THR B 297 -2.78 9.20 -61.62
C THR B 297 -3.80 8.06 -61.67
N SER B 298 -4.41 7.76 -60.53
CA SER B 298 -5.48 6.76 -60.48
C SER B 298 -6.74 7.31 -61.14
N ASN B 299 -7.74 6.45 -61.33
CA ASN B 299 -8.99 6.88 -61.97
C ASN B 299 -10.23 6.34 -61.28
N TYR B 300 -11.37 6.93 -61.62
CA TYR B 300 -12.65 6.51 -61.06
C TYR B 300 -13.19 5.27 -61.77
N THR B 301 -14.10 4.56 -61.11
CA THR B 301 -14.72 3.36 -61.65
C THR B 301 -15.85 3.72 -62.63
N ASP B 302 -16.38 2.70 -63.30
CA ASP B 302 -17.54 2.85 -64.20
C ASP B 302 -18.73 3.47 -63.46
N GLU B 303 -19.09 2.88 -62.32
CA GLU B 303 -20.15 3.40 -61.44
C GLU B 303 -19.89 4.85 -61.08
N GLU B 304 -18.63 5.15 -60.75
CA GLU B 304 -18.23 6.48 -60.30
C GLU B 304 -18.31 7.56 -61.37
N ILE B 305 -17.88 7.25 -62.60
CA ILE B 305 -17.95 8.23 -63.69
C ILE B 305 -19.39 8.59 -64.02
N GLU B 306 -20.24 7.57 -64.11
CA GLU B 306 -21.65 7.75 -64.41
C GLU B 306 -22.41 8.57 -63.37
N ASN B 307 -22.31 8.15 -62.11
CA ASN B 307 -23.19 8.65 -61.05
C ASN B 307 -22.70 9.84 -60.22
N HIS B 308 -21.39 9.96 -60.04
CA HIS B 308 -20.88 10.94 -59.07
C HIS B 308 -19.95 11.99 -59.68
N ILE B 309 -19.24 11.64 -60.75
CA ILE B 309 -18.31 12.55 -61.39
C ILE B 309 -18.90 13.13 -62.68
N LYS B 310 -19.16 14.43 -62.66
CA LYS B 310 -19.74 15.12 -63.80
C LYS B 310 -18.76 16.14 -64.35
N THR B 311 -18.06 15.74 -65.42
CA THR B 311 -17.12 16.62 -66.14
C THR B 311 -16.42 15.85 -67.25
N SER B 312 -15.98 16.57 -68.29
CA SER B 312 -15.12 15.99 -69.31
C SER B 312 -13.67 16.47 -69.16
N GLN B 313 -13.43 17.22 -68.08
CA GLN B 313 -12.08 17.63 -67.70
C GLN B 313 -11.30 16.44 -67.15
N PHE B 314 -9.98 16.53 -67.23
CA PHE B 314 -9.10 15.51 -66.69
C PHE B 314 -9.14 15.58 -65.16
N VAL B 315 -9.62 14.51 -64.55
CA VAL B 315 -9.75 14.41 -63.10
C VAL B 315 -9.13 13.12 -62.57
N ALA B 316 -8.84 13.09 -61.27
CA ALA B 316 -8.33 11.89 -60.61
C ALA B 316 -8.62 11.91 -59.12
N PRO B 317 -9.00 10.76 -58.55
CA PRO B 317 -9.07 10.71 -57.09
C PRO B 317 -7.67 10.83 -56.44
N ASP B 318 -6.66 10.22 -57.06
CA ASP B 318 -5.31 10.21 -56.48
C ASP B 318 -4.24 10.62 -57.48
N GLU B 319 -3.32 11.48 -57.03
CA GLU B 319 -2.13 11.82 -57.80
C GLU B 319 -0.94 11.39 -56.95
N LEU B 320 0.04 10.74 -57.59
CA LEU B 320 1.14 10.08 -56.86
C LEU B 320 2.49 10.28 -57.50
N PHE B 321 3.48 10.48 -56.65
CA PHE B 321 4.86 10.49 -57.11
C PHE B 321 5.67 9.58 -56.23
N ALA B 322 6.64 8.90 -56.83
CA ALA B 322 7.58 8.10 -56.07
C ALA B 322 8.95 8.26 -56.67
N GLY B 323 9.82 8.96 -55.95
CA GLY B 323 11.16 9.21 -56.44
C GLY B 323 12.24 8.91 -55.42
N TYR B 324 13.47 8.77 -55.92
CA TYR B 324 14.64 8.52 -55.07
C TYR B 324 15.89 9.17 -55.65
N THR B 325 16.77 9.61 -54.76
CA THR B 325 18.09 10.04 -55.14
C THR B 325 19.05 8.92 -54.77
N ARG B 326 20.33 9.25 -54.73
CA ARG B 326 21.35 8.33 -54.28
C ARG B 326 21.24 8.05 -52.77
N LYS B 327 20.68 9.00 -52.03
CA LYS B 327 20.64 8.92 -50.56
C LYS B 327 19.24 8.64 -49.98
N TYR B 328 18.21 9.27 -50.56
CA TYR B 328 16.86 9.17 -50.02
C TYR B 328 15.85 8.67 -51.02
N SER B 329 14.74 8.15 -50.49
CA SER B 329 13.60 7.68 -51.26
C SER B 329 12.35 8.33 -50.70
N MET B 330 11.48 8.83 -51.58
CA MET B 330 10.24 9.48 -51.14
C MET B 330 9.05 9.10 -52.01
N ALA B 331 7.96 8.70 -51.34
CA ALA B 331 6.69 8.43 -52.00
C ALA B 331 5.65 9.43 -51.54
N VAL B 332 4.99 10.09 -52.48
CA VAL B 332 4.02 11.13 -52.19
C VAL B 332 2.64 10.78 -52.72
N TRP B 333 1.65 10.81 -51.83
CA TRP B 333 0.25 10.63 -52.21
C TRP B 333 -0.49 11.94 -52.05
N THR B 334 -1.27 12.32 -53.06
CA THR B 334 -2.16 13.48 -52.95
C THR B 334 -3.60 13.13 -53.32
N GLY B 335 -4.54 13.86 -52.72
CA GLY B 335 -5.97 13.64 -52.94
C GLY B 335 -6.84 14.26 -51.87
N TYR B 336 -8.11 13.89 -51.86
CA TYR B 336 -9.05 14.38 -50.86
C TYR B 336 -9.54 13.24 -49.98
N SER B 337 -9.92 13.59 -48.74
CA SER B 337 -10.45 12.60 -47.79
C SER B 337 -11.54 11.79 -48.47
N ASN B 338 -12.52 12.51 -49.02
CA ASN B 338 -13.56 11.91 -49.83
C ASN B 338 -13.00 11.71 -51.24
N ARG B 339 -12.78 10.44 -51.62
CA ARG B 339 -12.23 10.12 -52.95
C ARG B 339 -13.04 10.73 -54.10
N LEU B 340 -14.29 11.05 -53.82
CA LEU B 340 -15.23 11.56 -54.83
C LEU B 340 -15.09 13.07 -55.07
N THR B 341 -14.16 13.70 -54.34
CA THR B 341 -13.72 15.06 -54.62
C THR B 341 -12.49 14.95 -55.52
N PRO B 342 -12.63 15.33 -56.80
CA PRO B 342 -11.55 15.03 -57.75
C PRO B 342 -10.44 16.05 -57.82
N LEU B 343 -9.20 15.58 -57.99
CA LEU B 343 -8.08 16.46 -58.30
C LEU B 343 -8.27 17.07 -59.69
N VAL B 344 -7.98 18.35 -59.81
CA VAL B 344 -8.17 19.10 -61.06
C VAL B 344 -7.02 20.07 -61.32
N GLY B 345 -6.74 20.30 -62.61
CA GLY B 345 -5.75 21.29 -63.07
C GLY B 345 -4.44 21.32 -62.29
N ASN B 346 -4.26 22.38 -61.51
CA ASN B 346 -3.05 22.55 -60.71
C ASN B 346 -2.89 21.53 -59.58
N GLY B 347 -4.02 21.01 -59.09
CA GLY B 347 -4.03 20.00 -58.03
C GLY B 347 -3.29 18.72 -58.39
N LEU B 348 -3.25 18.40 -59.68
CA LEU B 348 -2.54 17.23 -60.20
C LEU B 348 -1.03 17.39 -60.21
N THR B 349 -0.54 18.62 -59.95
CA THR B 349 0.90 18.88 -59.97
C THR B 349 1.49 18.94 -58.56
N VAL B 350 0.63 18.90 -57.55
CA VAL B 350 1.07 19.02 -56.16
C VAL B 350 2.07 17.90 -55.78
N ALA B 351 1.64 16.65 -55.95
CA ALA B 351 2.44 15.49 -55.62
C ALA B 351 3.92 15.61 -56.05
N ALA B 352 4.15 16.00 -57.31
CA ALA B 352 5.51 16.14 -57.84
C ALA B 352 6.24 17.37 -57.29
N LYS B 353 5.50 18.44 -57.05
CA LYS B 353 6.08 19.67 -56.51
C LYS B 353 6.42 19.55 -55.03
N VAL B 354 5.66 18.76 -54.29
CA VAL B 354 5.97 18.44 -52.89
C VAL B 354 7.27 17.64 -52.85
N TYR B 355 7.38 16.63 -53.73
CA TYR B 355 8.62 15.89 -53.90
C TYR B 355 9.80 16.81 -54.25
N ARG B 356 9.65 17.65 -55.28
CA ARG B 356 10.73 18.53 -55.73
C ARG B 356 11.27 19.34 -54.56
N SER B 357 10.36 19.95 -53.80
CA SER B 357 10.70 20.85 -52.70
C SER B 357 11.45 20.16 -51.57
N MET B 358 11.01 18.96 -51.18
CA MET B 358 11.62 18.19 -50.09
C MET B 358 12.99 17.64 -50.49
N MET B 359 13.09 17.20 -51.74
CA MET B 359 14.31 16.61 -52.27
C MET B 359 15.38 17.70 -52.44
N THR B 360 14.95 18.89 -52.86
CA THR B 360 15.84 20.05 -52.95
C THR B 360 16.52 20.25 -51.61
N TYR B 361 15.71 20.34 -50.56
CA TYR B 361 16.16 20.55 -49.19
C TYR B 361 17.19 19.50 -48.75
N LEU B 362 16.88 18.22 -48.98
CA LEU B 362 17.68 17.11 -48.48
C LEU B 362 19.01 16.92 -49.19
N SER B 363 19.08 17.31 -50.47
CA SER B 363 20.24 17.02 -51.31
C SER B 363 21.19 18.19 -51.50
N GLU B 364 20.63 19.41 -51.40
CA GLU B 364 21.40 20.63 -51.54
C GLU B 364 22.55 20.63 -50.53
N GLY B 365 23.75 20.91 -51.02
CA GLY B 365 24.92 21.03 -50.14
C GLY B 365 25.85 19.83 -50.08
N SER B 366 25.33 18.65 -50.42
CA SER B 366 26.14 17.44 -50.49
C SER B 366 26.71 17.34 -51.91
N ASN B 367 27.52 16.32 -52.17
CA ASN B 367 27.91 16.05 -53.54
C ASN B 367 27.00 14.96 -54.13
N PRO B 368 25.91 15.37 -54.81
CA PRO B 368 24.97 14.36 -55.29
C PRO B 368 25.62 13.45 -56.34
N GLU B 369 25.91 12.22 -55.92
CA GLU B 369 26.55 11.23 -56.79
C GLU B 369 25.53 10.63 -57.73
N ASP B 370 25.95 10.37 -58.97
CA ASP B 370 25.14 9.64 -59.94
C ASP B 370 25.32 8.14 -59.73
N TRP B 371 24.65 7.33 -60.54
CA TRP B 371 24.80 5.88 -60.46
C TRP B 371 25.85 5.39 -61.44
N ASN B 372 26.65 4.43 -61.00
CA ASN B 372 27.71 3.86 -61.83
C ASN B 372 27.24 2.61 -62.54
N ILE B 373 27.35 2.60 -63.86
CA ILE B 373 26.97 1.43 -64.68
C ILE B 373 27.72 0.16 -64.22
N PRO B 374 26.99 -0.84 -63.70
CA PRO B 374 27.60 -2.01 -63.06
C PRO B 374 28.14 -3.04 -64.06
N GLU B 375 28.97 -3.96 -63.57
CA GLU B 375 29.41 -5.11 -64.37
C GLU B 375 28.17 -5.84 -64.89
N GLY B 376 28.13 -6.11 -66.18
CA GLY B 376 27.01 -6.82 -66.79
C GLY B 376 26.17 -6.00 -67.75
N LEU B 377 26.32 -4.68 -67.67
CA LEU B 377 25.60 -3.79 -68.57
C LEU B 377 26.56 -2.89 -69.33
N TYR B 378 26.13 -2.43 -70.50
CA TYR B 378 26.91 -1.48 -71.28
C TYR B 378 26.03 -0.44 -71.94
N ARG B 379 26.60 0.74 -72.19
CA ARG B 379 25.88 1.87 -72.74
C ARG B 379 25.76 1.80 -74.26
N ASN B 380 24.68 2.35 -74.79
CA ASN B 380 24.49 2.47 -76.23
C ASN B 380 23.43 3.50 -76.58
N GLY B 381 23.86 4.62 -77.15
CA GLY B 381 22.96 5.71 -77.53
C GLY B 381 22.19 6.22 -76.33
N GLU B 382 20.87 6.05 -76.36
CA GLU B 382 20.01 6.46 -75.25
C GLU B 382 19.81 5.36 -74.23
N PHE B 383 20.23 4.13 -74.56
CA PHE B 383 19.79 2.94 -73.83
C PHE B 383 20.91 2.09 -73.24
N VAL B 384 20.50 1.13 -72.42
CA VAL B 384 21.40 0.22 -71.73
C VAL B 384 21.06 -1.24 -72.10
N PHE B 385 22.09 -2.03 -72.39
CA PHE B 385 21.95 -3.41 -72.84
C PHE B 385 22.65 -4.38 -71.89
N LYS B 386 22.20 -5.63 -71.88
CA LYS B 386 22.81 -6.68 -71.06
C LYS B 386 24.03 -7.29 -71.76
N ASN B 387 24.67 -8.23 -71.07
CA ASN B 387 25.71 -9.06 -71.68
C ASN B 387 25.12 -10.44 -72.00
N THR C 5 -7.73 -2.30 88.77
CA THR C 5 -8.60 -1.62 87.74
C THR C 5 -7.84 -0.57 86.92
N SER C 6 -6.73 -0.05 87.47
CA SER C 6 -5.98 1.05 86.85
C SER C 6 -4.78 0.62 85.97
N SER C 7 -4.95 0.73 84.65
CA SER C 7 -3.96 0.26 83.69
C SER C 7 -3.47 1.37 82.77
N LYS C 8 -2.16 1.40 82.55
CA LYS C 8 -1.54 2.43 81.72
C LYS C 8 -1.09 1.83 80.40
N ILE C 9 -1.34 2.56 79.31
CA ILE C 9 -1.06 2.05 77.96
C ILE C 9 -0.12 3.00 77.21
N TYR C 10 0.90 2.43 76.57
CA TYR C 10 1.93 3.20 75.89
C TYR C 10 2.03 2.89 74.41
N ASP C 11 2.49 3.87 73.63
CA ASP C 11 2.76 3.64 72.20
C ASP C 11 4.14 3.03 72.00
N ASN C 12 4.55 2.88 70.73
CA ASN C 12 5.83 2.26 70.42
C ASN C 12 7.06 3.11 70.75
N LYS C 13 6.84 4.40 71.00
CA LYS C 13 7.89 5.31 71.48
C LYS C 13 7.85 5.41 73.01
N ASN C 14 6.99 4.60 73.63
CA ASN C 14 6.84 4.50 75.08
C ASN C 14 6.23 5.72 75.80
N GLN C 15 5.51 6.54 75.05
CA GLN C 15 4.72 7.65 75.60
C GLN C 15 3.42 7.11 76.19
N LEU C 16 2.99 7.69 77.32
CA LEU C 16 1.71 7.36 77.93
C LEU C 16 0.59 7.80 77.01
N ILE C 17 -0.25 6.86 76.61
CA ILE C 17 -1.31 7.14 75.64
C ILE C 17 -2.70 7.13 76.28
N ALA C 18 -2.83 6.45 77.42
CA ALA C 18 -4.12 6.29 78.11
C ALA C 18 -3.97 5.69 79.50
N ASP C 19 -4.80 6.19 80.43
CA ASP C 19 -4.89 5.64 81.78
C ASP C 19 -6.31 5.05 81.98
N LEU C 20 -6.48 3.79 81.58
CA LEU C 20 -7.77 3.12 81.69
C LEU C 20 -7.91 2.46 83.07
N ASN D 4 -10.00 10.83 79.81
CA ASN D 4 -9.59 9.44 80.16
C ASN D 4 -8.60 8.86 79.15
N TYR D 5 -8.96 8.97 77.86
CA TYR D 5 -8.13 8.56 76.72
C TYR D 5 -8.61 9.29 75.47
N PRO D 6 -7.72 9.53 74.49
CA PRO D 6 -8.13 10.31 73.32
C PRO D 6 -9.02 9.51 72.35
N ALA D 7 -9.85 10.24 71.60
CA ALA D 7 -10.86 9.65 70.73
C ALA D 7 -10.30 8.83 69.56
N TYR D 8 -9.17 9.29 69.03
CA TYR D 8 -8.56 8.67 67.85
C TYR D 8 -7.95 7.29 68.15
N MET D 9 -7.81 6.97 69.44
CA MET D 9 -7.23 5.71 69.86
C MET D 9 -8.26 4.63 70.19
N ASP D 10 -9.55 4.98 70.11
CA ASP D 10 -10.60 4.07 70.57
C ASP D 10 -10.56 2.70 69.89
N ASN D 11 -10.45 2.72 68.57
CA ASN D 11 -10.44 1.48 67.80
C ASN D 11 -9.20 0.65 68.08
N TYR D 12 -8.04 1.29 68.02
CA TYR D 12 -6.77 0.62 68.33
C TYR D 12 -6.80 0.00 69.73
N LEU D 13 -7.21 0.80 70.71
CA LEU D 13 -7.24 0.35 72.11
C LEU D 13 -8.13 -0.85 72.36
N LYS D 14 -9.21 -0.98 71.60
CA LYS D 14 -10.10 -2.13 71.74
C LYS D 14 -9.39 -3.42 71.36
N GLU D 15 -8.58 -3.35 70.32
CA GLU D 15 -7.79 -4.51 69.88
C GLU D 15 -6.68 -4.85 70.86
N VAL D 16 -6.08 -3.82 71.46
CA VAL D 16 -5.09 -3.99 72.52
C VAL D 16 -5.70 -4.83 73.63
N ILE D 17 -6.88 -4.43 74.11
CA ILE D 17 -7.61 -5.15 75.15
C ILE D 17 -7.84 -6.62 74.79
N ASN D 18 -8.36 -6.86 73.59
CA ASN D 18 -8.67 -8.23 73.16
C ASN D 18 -7.44 -9.10 73.05
N GLN D 19 -6.33 -8.53 72.58
CA GLN D 19 -5.08 -9.28 72.44
C GLN D 19 -4.41 -9.57 73.77
N VAL D 20 -4.45 -8.63 74.71
CA VAL D 20 -3.97 -8.88 76.06
C VAL D 20 -4.81 -10.01 76.66
N GLU D 21 -6.11 -9.97 76.44
CA GLU D 21 -7.03 -11.03 76.87
C GLU D 21 -6.66 -12.39 76.26
N GLU D 22 -6.49 -12.41 74.94
CA GLU D 22 -6.22 -13.66 74.21
C GLU D 22 -4.84 -14.23 74.50
N GLU D 23 -3.91 -13.39 74.94
CA GLU D 23 -2.53 -13.83 75.17
C GLU D 23 -2.22 -14.11 76.64
N THR D 24 -2.94 -13.44 77.54
CA THR D 24 -2.67 -13.56 78.97
C THR D 24 -3.84 -14.12 79.79
N GLY D 25 -5.06 -14.05 79.24
CA GLY D 25 -6.25 -14.46 79.97
C GLY D 25 -6.71 -13.43 80.99
N TYR D 26 -5.99 -12.32 81.06
CA TYR D 26 -6.35 -11.20 81.95
C TYR D 26 -6.99 -10.09 81.13
N ASN D 27 -7.85 -9.31 81.78
CA ASN D 27 -8.50 -8.17 81.14
C ASN D 27 -8.03 -6.84 81.77
N LEU D 28 -7.40 -6.00 80.96
CA LEU D 28 -6.71 -4.80 81.49
C LEU D 28 -7.62 -3.75 82.15
N LEU D 29 -8.93 -3.91 82.01
CA LEU D 29 -9.88 -3.00 82.66
C LEU D 29 -10.20 -3.42 84.10
N THR D 30 -10.07 -4.72 84.40
CA THR D 30 -10.34 -5.22 85.75
C THR D 30 -9.05 -5.66 86.48
N THR D 31 -8.00 -5.96 85.73
CA THR D 31 -6.67 -6.15 86.33
C THR D 31 -5.76 -5.00 85.92
N GLY D 32 -5.10 -4.39 86.90
CA GLY D 32 -4.14 -3.32 86.65
C GLY D 32 -2.84 -3.86 86.07
N MET D 33 -2.42 -3.31 84.93
CA MET D 33 -1.16 -3.68 84.30
C MET D 33 -0.66 -2.58 83.36
N ASP D 34 0.59 -2.67 82.96
CA ASP D 34 1.17 -1.74 81.98
C ASP D 34 1.31 -2.42 80.64
N VAL D 35 0.71 -1.80 79.62
CA VAL D 35 0.64 -2.37 78.29
C VAL D 35 1.43 -1.49 77.32
N TYR D 36 2.41 -2.08 76.66
CA TYR D 36 3.25 -1.37 75.69
C TYR D 36 2.87 -1.81 74.29
N THR D 37 2.23 -0.91 73.55
CA THR D 37 1.61 -1.27 72.28
C THR D 37 2.50 -0.97 71.07
N ASN D 38 1.99 -1.28 69.88
CA ASN D 38 2.72 -1.15 68.63
C ASN D 38 2.32 0.07 67.82
N VAL D 39 1.40 0.87 68.35
CA VAL D 39 0.85 2.01 67.61
C VAL D 39 1.89 3.13 67.45
N ASP D 40 1.82 3.82 66.30
CA ASP D 40 2.52 5.09 66.09
C ASP D 40 1.49 6.19 66.28
N GLN D 41 1.60 6.90 67.40
CA GLN D 41 0.68 7.99 67.74
C GLN D 41 0.52 9.01 66.61
N GLU D 42 1.63 9.41 66.01
CA GLU D 42 1.60 10.45 64.97
C GLU D 42 0.90 9.95 63.71
N ALA D 43 1.15 8.69 63.35
CA ALA D 43 0.48 8.09 62.20
C ALA D 43 -1.03 7.91 62.47
N GLN D 44 -1.38 7.56 63.70
CA GLN D 44 -2.77 7.47 64.12
C GLN D 44 -3.49 8.81 64.05
N LYS D 45 -2.92 9.81 64.70
CA LYS D 45 -3.42 11.19 64.63
C LYS D 45 -3.58 11.63 63.19
N HIS D 46 -2.59 11.33 62.36
CA HIS D 46 -2.61 11.76 60.97
C HIS D 46 -3.70 11.06 60.18
N LEU D 47 -3.89 9.76 60.44
CA LEU D 47 -4.97 9.00 59.82
C LEU D 47 -6.34 9.55 60.25
N TRP D 48 -6.45 9.91 61.54
CA TRP D 48 -7.65 10.55 62.03
C TRP D 48 -7.93 11.87 61.31
N ASP D 49 -6.87 12.60 60.95
CA ASP D 49 -7.00 13.84 60.18
C ASP D 49 -7.52 13.57 58.79
N ILE D 50 -6.98 12.53 58.15
CA ILE D 50 -7.37 12.17 56.79
C ILE D 50 -8.85 11.74 56.75
N TYR D 51 -9.28 11.04 57.78
CA TYR D 51 -10.67 10.62 57.89
C TYR D 51 -11.60 11.80 58.13
N ASN D 52 -11.29 12.61 59.14
CA ASN D 52 -12.28 13.53 59.73
C ASN D 52 -12.15 15.01 59.42
N THR D 53 -11.10 15.41 58.72
CA THR D 53 -11.01 16.77 58.22
C THR D 53 -11.27 16.77 56.72
N ASP D 54 -11.36 17.95 56.14
CA ASP D 54 -11.52 18.11 54.69
C ASP D 54 -10.18 18.30 53.97
N GLU D 55 -9.07 18.12 54.69
CA GLU D 55 -7.75 18.54 54.21
C GLU D 55 -7.14 17.61 53.15
N TYR D 56 -7.40 16.31 53.27
CA TYR D 56 -6.70 15.32 52.46
C TYR D 56 -7.56 14.65 51.39
N VAL D 57 -8.85 14.48 51.68
CA VAL D 57 -9.75 13.79 50.76
C VAL D 57 -11.07 14.55 50.58
N ALA D 58 -11.52 14.64 49.33
CA ALA D 58 -12.83 15.18 48.99
C ALA D 58 -13.91 14.13 49.27
N TYR D 59 -14.60 14.28 50.41
CA TYR D 59 -15.66 13.36 50.80
C TYR D 59 -17.02 13.85 50.33
N PRO D 60 -17.82 12.95 49.73
CA PRO D 60 -19.16 13.31 49.22
C PRO D 60 -20.14 13.73 50.31
N ASP D 61 -19.96 13.23 51.53
CA ASP D 61 -20.82 13.58 52.67
C ASP D 61 -20.16 13.13 53.98
N ASP D 62 -20.84 13.38 55.10
CA ASP D 62 -20.36 12.99 56.42
C ASP D 62 -20.72 11.55 56.80
N GLU D 63 -21.50 10.86 55.97
CA GLU D 63 -21.94 9.51 56.32
C GLU D 63 -21.01 8.43 55.78
N LEU D 64 -20.30 8.74 54.70
CA LEU D 64 -19.37 7.79 54.07
C LEU D 64 -18.30 7.31 55.04
N GLN D 65 -18.20 6.00 55.20
CA GLN D 65 -17.33 5.39 56.20
C GLN D 65 -16.03 4.86 55.61
N VAL D 66 -14.97 4.95 56.41
CA VAL D 66 -13.65 4.43 56.03
C VAL D 66 -13.12 3.59 57.19
N ALA D 67 -12.65 2.39 56.87
CA ALA D 67 -11.96 1.54 57.83
C ALA D 67 -10.64 1.06 57.22
N SER D 68 -9.56 1.16 57.98
CA SER D 68 -8.25 0.74 57.48
C SER D 68 -7.26 0.31 58.57
N THR D 69 -6.32 -0.54 58.18
CA THR D 69 -5.27 -1.00 59.08
C THR D 69 -3.95 -0.85 58.33
N ILE D 70 -2.99 -0.16 58.94
CA ILE D 70 -1.65 -0.05 58.36
C ILE D 70 -0.77 -1.03 59.11
N VAL D 71 -0.07 -1.89 58.37
CA VAL D 71 0.81 -2.90 58.97
C VAL D 71 2.28 -2.71 58.58
N ASP D 72 3.16 -2.81 59.57
CA ASP D 72 4.59 -2.79 59.34
C ASP D 72 5.02 -4.14 58.79
N VAL D 73 5.48 -4.09 57.54
CA VAL D 73 5.70 -5.26 56.69
C VAL D 73 6.81 -6.22 57.14
N SER D 74 7.70 -5.77 58.01
CA SER D 74 8.78 -6.62 58.50
C SER D 74 8.39 -7.51 59.69
N ASN D 75 7.25 -7.24 60.30
CA ASN D 75 6.89 -7.90 61.56
C ASN D 75 5.40 -8.05 61.88
N GLY D 76 4.54 -7.53 61.01
CA GLY D 76 3.10 -7.62 61.22
C GLY D 76 2.57 -6.78 62.37
N LYS D 77 3.36 -5.80 62.80
CA LYS D 77 2.93 -4.85 63.81
C LYS D 77 1.93 -3.89 63.19
N VAL D 78 0.79 -3.71 63.87
CA VAL D 78 -0.23 -2.78 63.43
C VAL D 78 0.17 -1.40 63.92
N ILE D 79 0.57 -0.51 63.01
CA ILE D 79 1.07 0.80 63.44
C ILE D 79 -0.04 1.84 63.58
N ALA D 80 -1.15 1.63 62.88
CA ALA D 80 -2.29 2.53 62.92
C ALA D 80 -3.52 1.83 62.38
N GLN D 81 -4.68 2.12 62.98
CA GLN D 81 -5.93 1.51 62.59
C GLN D 81 -7.10 2.33 63.09
N LEU D 82 -7.97 2.72 62.18
CA LEU D 82 -9.17 3.48 62.53
C LEU D 82 -10.33 2.92 61.72
N GLY D 83 -11.36 2.47 62.43
CA GLY D 83 -12.45 1.71 61.81
C GLY D 83 -13.67 2.50 61.38
N ALA D 84 -13.68 3.79 61.67
CA ALA D 84 -14.84 4.65 61.38
C ALA D 84 -14.43 6.12 61.21
N ARG D 85 -15.29 6.90 60.56
CA ARG D 85 -15.10 8.35 60.52
C ARG D 85 -16.39 9.13 60.80
N HIS D 86 -16.22 10.31 61.40
CA HIS D 86 -17.32 11.16 61.88
C HIS D 86 -18.34 10.39 62.73
N GLN D 87 -17.82 9.55 63.63
CA GLN D 87 -18.67 8.66 64.45
C GLN D 87 -18.76 9.14 65.90
N SER D 88 -19.33 10.33 66.08
CA SER D 88 -19.43 10.95 67.41
C SER D 88 -20.58 10.37 68.24
N SER D 89 -20.27 9.40 69.08
CA SER D 89 -21.26 8.81 70.01
C SER D 89 -20.61 8.36 71.31
N ASN D 90 -21.27 8.67 72.44
CA ASN D 90 -20.74 8.41 73.78
C ASN D 90 -20.71 6.91 74.16
N VAL D 91 -19.98 6.13 73.37
CA VAL D 91 -19.79 4.70 73.63
C VAL D 91 -18.31 4.34 73.49
N SER D 92 -17.69 3.96 74.60
CA SER D 92 -16.29 3.59 74.62
C SER D 92 -16.13 2.17 74.11
N PHE D 93 -15.08 1.96 73.30
CA PHE D 93 -14.74 0.66 72.72
C PHE D 93 -15.89 -0.02 71.97
N GLY D 94 -16.54 0.73 71.08
CA GLY D 94 -17.63 0.21 70.24
C GLY D 94 -17.18 -0.80 69.21
N ILE D 95 -18.04 -1.07 68.23
CA ILE D 95 -17.68 -1.94 67.11
C ILE D 95 -16.50 -1.32 66.34
N ASN D 96 -15.49 -2.14 66.07
CA ASN D 96 -14.36 -1.73 65.25
C ASN D 96 -14.40 -2.39 63.87
N GLN D 97 -14.88 -1.65 62.88
CA GLN D 97 -15.04 -2.17 61.52
C GLN D 97 -13.74 -2.70 60.93
N ALA D 98 -12.63 -2.10 61.31
CA ALA D 98 -11.32 -2.49 60.79
C ALA D 98 -10.98 -3.97 61.00
N VAL D 99 -11.61 -4.61 61.99
CA VAL D 99 -11.43 -6.04 62.23
C VAL D 99 -12.64 -6.90 61.84
N GLU D 100 -13.72 -6.27 61.40
CA GLU D 100 -14.93 -7.00 61.03
C GLU D 100 -14.90 -7.50 59.58
N THR D 101 -15.46 -8.69 59.38
CA THR D 101 -15.34 -9.39 58.11
C THR D 101 -16.67 -9.54 57.36
N ASN D 102 -17.66 -8.74 57.73
CA ASN D 102 -19.00 -8.82 57.16
C ASN D 102 -19.18 -8.10 55.81
N ARG D 103 -18.19 -7.31 55.40
CA ARG D 103 -18.27 -6.61 54.13
C ARG D 103 -17.38 -7.25 53.08
N ASP D 104 -17.95 -7.49 51.89
CA ASP D 104 -17.25 -8.10 50.77
C ASP D 104 -16.03 -7.30 50.31
N TRP D 105 -14.88 -7.96 50.24
CA TRP D 105 -13.65 -7.33 49.76
C TRP D 105 -13.41 -7.48 48.25
N GLY D 106 -14.35 -8.11 47.55
CA GLY D 106 -14.36 -8.15 46.10
C GLY D 106 -13.05 -8.51 45.42
N SER D 107 -12.73 -7.77 44.37
CA SER D 107 -11.56 -8.04 43.52
C SER D 107 -10.19 -8.02 44.23
N THR D 108 -10.16 -7.51 45.45
CA THR D 108 -8.91 -7.51 46.23
C THR D 108 -8.54 -8.93 46.66
N MET D 109 -9.50 -9.85 46.54
CA MET D 109 -9.28 -11.28 46.84
C MET D 109 -8.49 -11.99 45.73
N LYS D 110 -8.59 -11.47 44.51
CA LYS D 110 -7.98 -12.08 43.33
C LYS D 110 -6.47 -12.41 43.50
N PRO D 111 -5.64 -11.42 43.88
CA PRO D 111 -4.21 -11.69 44.06
C PRO D 111 -3.90 -12.83 45.03
N ILE D 112 -4.60 -12.89 46.17
CA ILE D 112 -4.28 -13.86 47.22
C ILE D 112 -5.03 -15.19 47.13
N THR D 113 -6.05 -15.25 46.28
CA THR D 113 -6.90 -16.44 46.18
C THR D 113 -6.66 -17.18 44.87
N ASP D 114 -6.38 -16.43 43.80
CA ASP D 114 -6.35 -16.97 42.46
C ASP D 114 -4.97 -16.93 41.81
N TYR D 115 -4.43 -15.72 41.61
CA TYR D 115 -3.21 -15.52 40.84
C TYR D 115 -1.90 -15.97 41.53
N ALA D 116 -1.76 -15.65 42.82
CA ALA D 116 -0.58 -16.06 43.57
C ALA D 116 -0.49 -17.58 43.74
N PRO D 117 -1.60 -18.24 44.15
CA PRO D 117 -1.55 -19.71 44.22
C PRO D 117 -1.18 -20.32 42.87
N ALA D 118 -1.71 -19.76 41.80
CA ALA D 118 -1.38 -20.19 40.45
C ALA D 118 0.12 -20.15 40.19
N LEU D 119 0.75 -19.03 40.51
CA LEU D 119 2.19 -18.89 40.31
C LEU D 119 3.00 -19.78 41.28
N GLU D 120 2.53 -19.87 42.52
CA GLU D 120 3.20 -20.69 43.54
C GLU D 120 3.25 -22.17 43.14
N TYR D 121 2.13 -22.68 42.64
CA TYR D 121 2.03 -24.09 42.30
C TYR D 121 2.28 -24.36 40.81
N GLY D 122 2.89 -23.39 40.13
CA GLY D 122 3.31 -23.56 38.74
C GLY D 122 2.20 -23.72 37.71
N VAL D 123 1.00 -23.26 38.03
CA VAL D 123 -0.11 -23.23 37.08
C VAL D 123 0.23 -22.30 35.92
N TYR D 124 0.76 -21.12 36.22
CA TYR D 124 1.26 -20.20 35.21
C TYR D 124 2.77 -19.99 35.38
N ASP D 125 3.48 -19.90 34.26
CA ASP D 125 4.95 -19.80 34.27
C ASP D 125 5.50 -18.40 34.43
N SER D 126 4.81 -17.41 33.86
CA SER D 126 5.28 -16.04 33.84
C SER D 126 4.13 -15.04 33.95
N THR D 127 4.45 -13.74 33.99
CA THR D 127 3.41 -12.71 34.05
C THR D 127 2.85 -12.41 32.66
N ALA D 128 3.43 -13.04 31.64
CA ALA D 128 2.96 -12.89 30.26
C ALA D 128 2.09 -14.07 29.79
N THR D 129 2.01 -15.12 30.62
CA THR D 129 1.18 -16.28 30.31
C THR D 129 -0.17 -15.83 29.81
N ILE D 130 -0.58 -16.37 28.67
CA ILE D 130 -1.85 -15.99 28.06
C ILE D 130 -3.05 -16.57 28.81
N VAL D 131 -3.98 -15.68 29.15
CA VAL D 131 -5.14 -16.04 29.94
C VAL D 131 -6.39 -15.68 29.14
N HIS D 132 -7.53 -16.29 29.48
CA HIS D 132 -8.67 -16.34 28.56
C HIS D 132 -9.93 -15.59 29.03
N ASP D 133 -10.10 -14.36 28.56
CA ASP D 133 -11.29 -13.56 28.86
C ASP D 133 -12.34 -13.75 27.78
N GLU D 134 -13.22 -14.72 28.03
CA GLU D 134 -14.22 -15.16 27.05
C GLU D 134 -15.42 -15.72 27.82
N PRO D 135 -16.60 -15.80 27.17
CA PRO D 135 -17.78 -16.36 27.85
C PRO D 135 -17.44 -17.63 28.62
N TYR D 136 -17.81 -17.66 29.89
CA TYR D 136 -17.35 -18.71 30.81
C TYR D 136 -18.37 -18.89 31.94
N ASN D 137 -18.61 -20.14 32.30
CA ASN D 137 -19.51 -20.46 33.41
C ASN D 137 -18.73 -20.91 34.62
N TYR D 138 -19.25 -20.63 35.81
CA TYR D 138 -18.67 -21.17 37.04
C TYR D 138 -18.51 -22.68 36.86
N PRO D 139 -17.27 -23.17 36.93
CA PRO D 139 -16.92 -24.52 36.47
C PRO D 139 -18.03 -25.59 36.60
N GLY D 140 -18.35 -26.22 35.47
CA GLY D 140 -19.34 -27.31 35.40
C GLY D 140 -20.78 -26.90 35.69
N THR D 141 -21.07 -25.61 35.62
CA THR D 141 -22.39 -25.09 35.98
C THR D 141 -23.07 -24.39 34.79
N ASN D 142 -24.28 -23.89 35.00
CA ASN D 142 -25.02 -23.18 33.97
C ASN D 142 -25.01 -21.66 34.14
N THR D 143 -24.41 -21.19 35.23
CA THR D 143 -24.34 -19.76 35.54
C THR D 143 -23.09 -19.13 34.91
N PRO D 144 -23.28 -18.06 34.12
CA PRO D 144 -22.12 -17.40 33.52
C PRO D 144 -21.38 -16.51 34.51
N VAL D 145 -20.07 -16.39 34.32
CA VAL D 145 -19.26 -15.42 35.05
C VAL D 145 -19.25 -14.15 34.21
N TYR D 146 -19.72 -13.05 34.79
CA TYR D 146 -19.76 -11.77 34.09
C TYR D 146 -18.66 -10.83 34.53
N ASN D 147 -17.98 -10.22 33.56
CA ASN D 147 -17.13 -9.08 33.83
C ASN D 147 -18.04 -7.89 34.13
N TRP D 148 -17.50 -6.86 34.78
CA TRP D 148 -18.28 -5.68 35.19
C TRP D 148 -18.94 -4.96 34.01
N ASP D 149 -18.31 -5.04 32.84
CA ASP D 149 -18.79 -4.36 31.65
C ASP D 149 -19.58 -5.29 30.73
N ARG D 150 -19.90 -6.49 31.21
CA ARG D 150 -20.60 -7.52 30.42
C ARG D 150 -19.92 -7.87 29.09
N GLY D 151 -18.63 -7.53 28.97
CA GLY D 151 -17.86 -7.82 27.75
C GLY D 151 -16.65 -8.71 28.01
N TYR D 152 -15.89 -8.99 26.96
CA TYR D 152 -14.76 -9.92 27.02
C TYR D 152 -13.62 -9.44 26.14
N PHE D 153 -12.40 -9.44 26.68
CA PHE D 153 -11.23 -8.91 25.95
C PHE D 153 -10.55 -9.96 25.08
N GLY D 154 -10.93 -11.22 25.26
CA GLY D 154 -10.31 -12.34 24.55
C GLY D 154 -8.98 -12.72 25.18
N ASN D 155 -8.06 -13.18 24.34
CA ASN D 155 -6.71 -13.56 24.78
C ASN D 155 -5.91 -12.35 25.25
N ILE D 156 -5.53 -12.40 26.52
CA ILE D 156 -4.80 -11.31 27.17
C ILE D 156 -3.73 -11.90 28.08
N THR D 157 -2.73 -11.10 28.43
CA THR D 157 -1.68 -11.54 29.34
C THR D 157 -2.22 -11.57 30.79
N LEU D 158 -1.59 -12.37 31.64
CA LEU D 158 -1.94 -12.47 33.05
C LEU D 158 -1.91 -11.09 33.74
N GLN D 159 -0.91 -10.29 33.37
CA GLN D 159 -0.71 -8.96 33.94
C GLN D 159 -1.88 -8.08 33.62
N TYR D 160 -2.30 -8.06 32.35
CA TYR D 160 -3.42 -7.23 31.91
C TYR D 160 -4.74 -7.65 32.56
N ALA D 161 -4.94 -8.96 32.70
CA ALA D 161 -6.10 -9.52 33.38
C ALA D 161 -6.24 -8.97 34.79
N LEU D 162 -5.13 -8.99 35.53
CA LEU D 162 -5.07 -8.49 36.89
C LEU D 162 -5.16 -6.96 36.90
N GLN D 163 -4.52 -6.35 35.91
CA GLN D 163 -4.44 -4.91 35.75
C GLN D 163 -5.82 -4.28 35.58
N GLN D 164 -6.65 -4.89 34.74
CA GLN D 164 -7.99 -4.37 34.45
C GLN D 164 -9.08 -5.11 35.22
N SER D 165 -8.65 -6.03 36.07
CA SER D 165 -9.54 -6.77 36.98
C SER D 165 -10.70 -7.50 36.26
N ARG D 166 -10.34 -8.39 35.35
CA ARG D 166 -11.31 -9.20 34.63
C ARG D 166 -11.63 -10.42 35.49
N ASN D 167 -12.92 -10.70 35.63
CA ASN D 167 -13.43 -11.76 36.50
C ASN D 167 -13.22 -13.17 35.98
N VAL D 168 -13.35 -13.32 34.66
CA VAL D 168 -13.28 -14.63 34.02
C VAL D 168 -11.92 -15.31 34.23
N PRO D 169 -10.80 -14.62 33.93
CA PRO D 169 -9.51 -15.24 34.22
C PRO D 169 -9.36 -15.60 35.69
N ALA D 170 -9.94 -14.78 36.57
CA ALA D 170 -9.91 -15.06 38.01
C ALA D 170 -10.59 -16.40 38.36
N VAL D 171 -11.83 -16.57 37.93
CA VAL D 171 -12.59 -17.79 38.24
C VAL D 171 -11.97 -19.01 37.56
N GLU D 172 -11.54 -18.86 36.31
CA GLU D 172 -10.84 -19.97 35.61
C GLU D 172 -9.52 -20.37 36.30
N THR D 173 -8.78 -19.37 36.81
CA THR D 173 -7.54 -19.63 37.53
C THR D 173 -7.84 -20.40 38.81
N LEU D 174 -8.81 -19.93 39.60
CA LEU D 174 -9.21 -20.63 40.81
C LEU D 174 -9.56 -22.08 40.50
N ASN D 175 -10.20 -22.32 39.36
CA ASN D 175 -10.48 -23.68 38.94
C ASN D 175 -9.23 -24.48 38.63
N LYS D 176 -8.26 -23.84 37.98
CA LYS D 176 -6.99 -24.50 37.68
C LYS D 176 -6.13 -24.73 38.92
N VAL D 177 -6.19 -23.79 39.87
CA VAL D 177 -5.48 -23.95 41.14
C VAL D 177 -6.15 -25.04 41.98
N GLY D 178 -7.49 -25.05 41.99
CA GLY D 178 -8.26 -25.97 42.82
C GLY D 178 -8.69 -25.33 44.13
N LEU D 179 -9.97 -25.49 44.47
CA LEU D 179 -10.53 -24.94 45.71
C LEU D 179 -9.78 -25.39 46.98
N ASN D 180 -9.15 -26.56 46.92
CA ASN D 180 -8.42 -27.06 48.08
C ASN D 180 -7.08 -26.35 48.28
N ARG D 181 -6.31 -26.26 47.21
CA ARG D 181 -5.02 -25.58 47.22
C ARG D 181 -5.11 -24.11 47.60
N ALA D 182 -6.11 -23.43 47.06
CA ALA D 182 -6.32 -22.00 47.35
C ALA D 182 -6.65 -21.75 48.81
N LYS D 183 -7.56 -22.57 49.36
CA LYS D 183 -7.94 -22.51 50.76
C LYS D 183 -6.71 -22.64 51.64
N THR D 184 -5.84 -23.59 51.30
CA THR D 184 -4.57 -23.80 51.99
C THR D 184 -3.67 -22.58 51.87
N PHE D 185 -3.60 -22.00 50.67
CA PHE D 185 -2.80 -20.80 50.46
C PHE D 185 -3.34 -19.63 51.27
N LEU D 186 -4.67 -19.46 51.26
CA LEU D 186 -5.32 -18.42 52.05
C LEU D 186 -5.03 -18.53 53.54
N ASN D 187 -5.13 -19.75 54.07
CA ASN D 187 -4.76 -20.03 55.46
C ASN D 187 -3.35 -19.58 55.82
N GLY D 188 -2.43 -19.73 54.86
CA GLY D 188 -1.04 -19.29 55.01
C GLY D 188 -0.95 -17.77 55.18
N LEU D 189 -1.95 -17.08 54.63
CA LEU D 189 -2.02 -15.62 54.72
C LEU D 189 -3.06 -15.17 55.75
N GLY D 190 -3.41 -16.09 56.66
CA GLY D 190 -4.26 -15.78 57.81
C GLY D 190 -5.74 -15.62 57.51
N ILE D 191 -6.18 -16.20 56.40
CA ILE D 191 -7.56 -16.07 55.96
C ILE D 191 -8.22 -17.44 55.79
N ASP D 192 -9.39 -17.61 56.38
CA ASP D 192 -10.09 -18.89 56.28
C ASP D 192 -11.57 -18.71 55.97
N TYR D 193 -12.15 -19.70 55.31
CA TYR D 193 -13.59 -19.80 55.12
C TYR D 193 -14.05 -21.12 55.73
N PRO D 194 -15.32 -21.18 56.19
CA PRO D 194 -15.86 -22.46 56.63
C PRO D 194 -15.92 -23.42 55.45
N SER D 195 -16.29 -22.88 54.30
CA SER D 195 -16.42 -23.62 53.06
C SER D 195 -15.98 -22.67 51.95
N ILE D 196 -15.23 -23.15 50.96
CA ILE D 196 -14.82 -22.31 49.84
C ILE D 196 -15.54 -22.69 48.53
N HIS D 197 -16.04 -21.67 47.83
CA HIS D 197 -16.73 -21.88 46.56
C HIS D 197 -16.09 -21.03 45.50
N TYR D 198 -16.38 -21.34 44.24
CA TYR D 198 -15.82 -20.60 43.13
C TYR D 198 -16.13 -19.11 43.14
N SER D 199 -17.24 -18.72 43.78
CA SER D 199 -17.60 -17.30 43.91
C SER D 199 -16.52 -16.52 44.66
N ASN D 200 -15.75 -17.23 45.49
CA ASN D 200 -14.69 -16.64 46.30
C ASN D 200 -13.42 -16.27 45.52
N ALA D 201 -13.45 -16.45 44.21
CA ALA D 201 -12.35 -16.02 43.37
C ALA D 201 -12.38 -14.50 43.26
N ILE D 202 -13.57 -13.95 43.46
CA ILE D 202 -13.82 -12.53 43.24
C ILE D 202 -14.56 -11.92 44.44
N SER D 203 -14.63 -12.67 45.53
CA SER D 203 -15.45 -12.29 46.67
C SER D 203 -14.90 -12.84 47.97
N SER D 204 -15.00 -12.04 49.03
CA SER D 204 -14.70 -12.51 50.37
C SER D 204 -15.99 -12.95 51.05
N ASN D 205 -17.08 -12.93 50.30
CA ASN D 205 -18.39 -13.36 50.78
C ASN D 205 -18.30 -14.73 51.42
N THR D 206 -18.62 -14.78 52.71
CA THR D 206 -18.40 -15.99 53.48
C THR D 206 -19.66 -16.50 54.14
N THR D 207 -19.79 -17.81 54.17
CA THR D 207 -21.03 -18.47 54.58
C THR D 207 -21.24 -18.58 56.10
N GLU D 208 -20.45 -17.85 56.90
CA GLU D 208 -20.64 -17.81 58.36
C GLU D 208 -20.32 -16.44 58.98
N SER D 209 -19.11 -15.93 58.69
CA SER D 209 -18.64 -14.56 59.07
C SER D 209 -18.53 -14.22 60.57
N ASP D 210 -19.07 -15.08 61.44
CA ASP D 210 -19.08 -14.85 62.89
C ASP D 210 -17.72 -14.52 63.52
N LYS D 211 -16.66 -15.15 63.00
CA LYS D 211 -15.38 -15.26 63.69
C LYS D 211 -14.18 -14.75 62.86
N LYS D 212 -13.24 -15.66 62.58
CA LYS D 212 -12.07 -15.31 61.79
C LYS D 212 -12.38 -15.29 60.29
N TYR D 213 -13.59 -15.73 59.94
CA TYR D 213 -13.93 -16.02 58.56
C TYR D 213 -14.07 -14.78 57.68
N GLY D 214 -13.49 -14.85 56.48
CA GLY D 214 -13.54 -13.75 55.54
C GLY D 214 -12.42 -12.75 55.70
N ALA D 215 -12.66 -11.52 55.27
CA ALA D 215 -11.62 -10.51 55.23
C ALA D 215 -12.02 -9.21 55.90
N SER D 216 -11.07 -8.65 56.63
CA SER D 216 -11.20 -7.32 57.23
C SER D 216 -9.99 -6.50 56.78
N SER D 217 -10.00 -5.21 57.07
CA SER D 217 -8.86 -4.35 56.75
C SER D 217 -7.60 -4.83 57.48
N GLU D 218 -7.81 -5.49 58.62
CA GLU D 218 -6.74 -6.05 59.42
C GLU D 218 -6.06 -7.22 58.73
N LYS D 219 -6.86 -8.22 58.36
CA LYS D 219 -6.37 -9.45 57.76
C LYS D 219 -5.79 -9.20 56.37
N MET D 220 -6.38 -8.24 55.66
CA MET D 220 -5.94 -7.92 54.31
C MET D 220 -4.57 -7.25 54.28
N ALA D 221 -4.37 -6.28 55.16
CA ALA D 221 -3.08 -5.61 55.29
C ALA D 221 -2.00 -6.63 55.60
N ALA D 222 -2.34 -7.60 56.47
CA ALA D 222 -1.41 -8.68 56.84
C ALA D 222 -1.15 -9.63 55.67
N ALA D 223 -2.20 -9.96 54.91
CA ALA D 223 -2.07 -10.81 53.74
C ALA D 223 -1.12 -10.18 52.73
N TYR D 224 -1.42 -8.93 52.36
CA TYR D 224 -0.64 -8.21 51.37
C TYR D 224 0.79 -7.91 51.85
N ALA D 225 0.96 -7.82 53.17
CA ALA D 225 2.29 -7.64 53.74
C ALA D 225 3.25 -8.74 53.28
N ALA D 226 2.75 -9.95 53.11
CA ALA D 226 3.59 -11.07 52.64
C ALA D 226 4.18 -10.80 51.25
N PHE D 227 3.40 -10.18 50.37
CA PHE D 227 3.92 -9.79 49.07
C PHE D 227 5.10 -8.83 49.24
N ALA D 228 4.91 -7.83 50.11
CA ALA D 228 5.88 -6.75 50.29
C ALA D 228 7.24 -7.18 50.82
N ASN D 229 7.25 -8.14 51.72
CA ASN D 229 8.47 -8.57 52.41
C ASN D 229 9.12 -9.83 51.80
N GLY D 230 8.70 -10.22 50.61
CA GLY D 230 9.25 -11.41 49.95
C GLY D 230 8.59 -12.73 50.34
N GLY D 231 7.42 -12.67 50.97
CA GLY D 231 6.59 -13.86 51.14
C GLY D 231 6.36 -14.40 52.54
N THR D 232 6.54 -13.56 53.56
CA THR D 232 6.40 -14.03 54.94
C THR D 232 5.21 -13.43 55.65
N TYR D 233 4.33 -14.29 56.16
CA TYR D 233 3.14 -13.83 56.86
C TYR D 233 3.41 -13.62 58.33
N TYR D 234 2.98 -12.46 58.84
CA TYR D 234 3.06 -12.17 60.26
C TYR D 234 1.66 -11.93 60.83
N LYS D 235 1.38 -12.61 61.94
CA LYS D 235 0.15 -12.40 62.70
C LYS D 235 0.08 -10.93 63.15
N PRO D 236 -1.06 -10.27 62.91
CA PRO D 236 -1.21 -8.85 63.28
C PRO D 236 -1.04 -8.66 64.78
N MET D 237 -0.10 -7.82 65.17
CA MET D 237 0.19 -7.57 66.59
C MET D 237 -0.10 -6.14 66.97
N TYR D 238 -0.81 -5.97 68.08
CA TYR D 238 -1.16 -4.66 68.60
C TYR D 238 -0.32 -4.34 69.82
N ILE D 239 0.14 -5.39 70.48
CA ILE D 239 0.96 -5.29 71.68
C ILE D 239 2.30 -5.98 71.48
N HIS D 240 3.27 -5.69 72.33
CA HIS D 240 4.53 -6.41 72.30
C HIS D 240 5.06 -6.69 73.70
N LYS D 241 4.44 -6.07 74.70
CA LYS D 241 4.85 -6.23 76.09
C LYS D 241 3.74 -5.85 77.06
N VAL D 242 3.64 -6.61 78.14
CA VAL D 242 2.82 -6.25 79.29
C VAL D 242 3.63 -6.43 80.56
N VAL D 243 3.48 -5.51 81.52
CA VAL D 243 4.02 -5.74 82.87
C VAL D 243 2.87 -5.74 83.88
N PHE D 244 2.84 -6.78 84.72
CA PHE D 244 1.87 -6.88 85.80
C PHE D 244 2.36 -6.05 86.99
N SER D 245 1.44 -5.75 87.89
CA SER D 245 1.71 -4.93 89.08
C SER D 245 2.74 -5.55 90.03
N ASP D 246 2.82 -6.88 90.03
CA ASP D 246 3.71 -7.61 90.92
C ASP D 246 5.13 -7.78 90.37
N GLY D 247 5.50 -6.99 89.37
CA GLY D 247 6.85 -7.03 88.79
C GLY D 247 7.01 -7.94 87.59
N SER D 248 6.22 -9.03 87.55
CA SER D 248 6.23 -9.96 86.42
C SER D 248 5.98 -9.26 85.09
N GLU D 249 6.64 -9.75 84.04
CA GLU D 249 6.43 -9.23 82.69
C GLU D 249 6.41 -10.37 81.67
N LYS D 250 5.77 -10.10 80.53
CA LYS D 250 5.78 -11.03 79.41
C LYS D 250 5.90 -10.23 78.12
N GLU D 251 6.85 -10.64 77.29
CA GLU D 251 7.08 -10.00 75.99
C GLU D 251 6.62 -10.93 74.86
N PHE D 252 6.14 -10.35 73.77
CA PHE D 252 5.53 -11.12 72.69
C PHE D 252 6.34 -11.09 71.41
N SER D 253 6.87 -12.25 71.05
CA SER D 253 7.64 -12.39 69.81
C SER D 253 6.72 -12.48 68.60
N ASN D 254 7.25 -12.11 67.44
CA ASN D 254 6.48 -12.08 66.20
C ASN D 254 7.08 -12.99 65.11
N VAL D 255 6.91 -14.30 65.29
CA VAL D 255 7.46 -15.30 64.38
C VAL D 255 6.79 -15.29 63.02
N GLY D 256 7.60 -15.31 61.95
CA GLY D 256 7.08 -15.34 60.59
C GLY D 256 6.83 -16.73 60.05
N THR D 257 5.96 -16.83 59.06
CA THR D 257 5.65 -18.08 58.37
C THR D 257 5.74 -17.79 56.88
N ARG D 258 6.48 -18.62 56.16
CA ARG D 258 6.57 -18.48 54.71
C ARG D 258 5.24 -18.88 54.08
N ALA D 259 4.66 -17.97 53.31
CA ALA D 259 3.34 -18.17 52.70
C ALA D 259 3.45 -18.39 51.20
N MET D 260 4.50 -17.82 50.60
CA MET D 260 4.81 -18.07 49.20
C MET D 260 6.30 -17.97 48.98
N LYS D 261 6.78 -18.46 47.84
CA LYS D 261 8.18 -18.30 47.45
C LYS D 261 8.47 -16.82 47.21
N GLU D 262 9.73 -16.41 47.42
CA GLU D 262 10.17 -15.07 47.06
C GLU D 262 9.76 -14.72 45.64
N THR D 263 10.01 -15.65 44.72
CA THR D 263 9.64 -15.48 43.31
C THR D 263 8.17 -15.11 43.13
N THR D 264 7.29 -15.86 43.80
CA THR D 264 5.85 -15.65 43.72
C THR D 264 5.48 -14.22 44.09
N ALA D 265 5.93 -13.79 45.26
CA ALA D 265 5.70 -12.45 45.77
C ALA D 265 6.22 -11.36 44.82
N TYR D 266 7.40 -11.59 44.26
CA TYR D 266 7.96 -10.64 43.31
C TYR D 266 7.09 -10.50 42.06
N MET D 267 6.71 -11.65 41.48
CA MET D 267 5.86 -11.67 40.28
C MET D 267 4.53 -10.98 40.53
N MET D 268 3.92 -11.28 41.66
CA MET D 268 2.68 -10.64 42.08
C MET D 268 2.84 -9.13 42.20
N THR D 269 3.89 -8.72 42.90
CA THR D 269 4.22 -7.30 43.07
C THR D 269 4.38 -6.62 41.72
N ASP D 270 5.18 -7.24 40.85
CA ASP D 270 5.48 -6.67 39.56
C ASP D 270 4.22 -6.43 38.73
N MET D 271 3.28 -7.37 38.80
CA MET D 271 1.98 -7.20 38.16
C MET D 271 1.12 -6.12 38.82
N MET D 272 1.06 -6.16 40.15
CA MET D 272 0.25 -5.20 40.91
C MET D 272 0.84 -3.79 40.89
N LYS D 273 2.11 -3.70 40.50
CA LYS D 273 2.76 -2.42 40.24
C LYS D 273 2.07 -1.67 39.09
N THR D 274 1.57 -2.41 38.10
CA THR D 274 0.92 -1.81 36.92
C THR D 274 -0.55 -1.43 37.13
N VAL D 275 -1.17 -2.01 38.16
CA VAL D 275 -2.53 -1.64 38.53
C VAL D 275 -2.62 -0.14 38.83
N LEU D 276 -1.54 0.41 39.38
CA LEU D 276 -1.46 1.83 39.73
C LEU D 276 -1.09 2.73 38.54
N SER D 277 -0.22 2.23 37.67
CA SER D 277 0.21 3.01 36.51
C SER D 277 -0.79 2.95 35.35
N TYR D 278 -1.13 1.75 34.89
CA TYR D 278 -2.01 1.61 33.72
C TYR D 278 -3.39 1.02 34.01
N GLY D 279 -3.62 0.59 35.25
CA GLY D 279 -4.83 -0.16 35.59
C GLY D 279 -5.98 0.58 36.26
N THR D 280 -6.59 -0.09 37.23
CA THR D 280 -7.82 0.37 37.87
C THR D 280 -7.58 1.18 39.13
N GLY D 281 -6.31 1.32 39.52
CA GLY D 281 -5.98 2.05 40.74
C GLY D 281 -5.04 3.22 40.55
N GLN D 282 -5.34 4.08 39.59
CA GLN D 282 -4.46 5.21 39.25
C GLN D 282 -4.60 6.43 40.18
N ASN D 283 -5.64 6.43 41.00
CA ASN D 283 -5.85 7.46 42.02
C ASN D 283 -4.90 7.29 43.22
N ALA D 284 -4.28 6.12 43.32
CA ALA D 284 -3.33 5.84 44.38
C ALA D 284 -1.89 5.99 43.89
N TYR D 285 -1.75 6.30 42.61
CA TYR D 285 -0.44 6.38 41.98
C TYR D 285 0.42 7.50 42.56
N LEU D 286 1.68 7.17 42.86
CA LEU D 286 2.66 8.15 43.31
C LEU D 286 3.95 7.91 42.55
N ALA D 287 4.28 8.84 41.66
CA ALA D 287 5.39 8.70 40.70
C ALA D 287 6.71 8.30 41.35
N TRP D 288 6.96 8.83 42.55
CA TRP D 288 8.22 8.66 43.25
C TRP D 288 8.23 7.48 44.22
N LEU D 289 7.09 6.80 44.35
CA LEU D 289 6.97 5.72 45.33
C LEU D 289 6.81 4.34 44.70
N PRO D 290 7.84 3.47 44.87
CA PRO D 290 7.67 2.08 44.47
C PRO D 290 6.68 1.39 45.42
N GLN D 291 5.51 1.05 44.86
CA GLN D 291 4.41 0.47 45.61
C GLN D 291 3.46 -0.27 44.69
N ALA D 292 2.97 -1.42 45.13
CA ALA D 292 1.98 -2.19 44.38
C ALA D 292 0.63 -2.19 45.12
N GLY D 293 -0.43 -2.60 44.44
CA GLY D 293 -1.75 -2.67 45.06
C GLY D 293 -2.89 -3.09 44.15
N LYS D 294 -4.00 -3.45 44.77
CA LYS D 294 -5.19 -3.92 44.05
C LYS D 294 -6.44 -3.16 44.49
N THR D 295 -7.21 -2.66 43.53
CA THR D 295 -8.50 -2.03 43.83
C THR D 295 -9.60 -3.07 44.00
N GLY D 296 -10.75 -2.63 44.48
CA GLY D 296 -11.88 -3.53 44.69
C GLY D 296 -13.21 -2.82 44.69
N THR D 297 -14.16 -3.39 43.95
CA THR D 297 -15.51 -2.84 43.86
C THR D 297 -16.49 -3.99 43.92
N SER D 298 -17.11 -4.18 45.09
CA SER D 298 -18.13 -5.21 45.24
C SER D 298 -19.41 -4.75 44.57
N ASN D 299 -20.32 -5.69 44.31
CA ASN D 299 -21.64 -5.36 43.78
C ASN D 299 -22.79 -5.88 44.62
N TYR D 300 -23.98 -5.43 44.26
CA TYR D 300 -25.21 -5.87 44.90
C TYR D 300 -25.70 -7.19 44.32
N THR D 301 -26.44 -7.94 45.13
CA THR D 301 -27.03 -9.22 44.69
C THR D 301 -28.20 -8.97 43.75
N ASP D 302 -28.78 -10.08 43.29
CA ASP D 302 -29.88 -10.08 42.32
C ASP D 302 -31.12 -9.34 42.85
N GLU D 303 -31.48 -9.64 44.10
CA GLU D 303 -32.63 -9.05 44.77
C GLU D 303 -32.42 -7.55 45.01
N GLU D 304 -31.22 -7.19 45.46
CA GLU D 304 -30.86 -5.82 45.81
C GLU D 304 -30.95 -4.83 44.64
N ILE D 305 -30.60 -5.29 43.45
CA ILE D 305 -30.67 -4.46 42.25
C ILE D 305 -32.13 -4.21 41.85
N GLU D 306 -32.95 -5.26 41.92
CA GLU D 306 -34.37 -5.17 41.58
C GLU D 306 -35.20 -4.37 42.59
N ASN D 307 -35.01 -4.66 43.87
CA ASN D 307 -35.89 -4.10 44.91
C ASN D 307 -35.38 -2.86 45.63
N HIS D 308 -34.06 -2.73 45.78
CA HIS D 308 -33.50 -1.69 46.65
C HIS D 308 -32.67 -0.60 45.97
N ILE D 309 -31.87 -0.97 44.97
CA ILE D 309 -31.05 0.01 44.24
C ILE D 309 -31.77 0.50 42.98
N LYS D 310 -32.22 1.76 43.02
CA LYS D 310 -32.96 2.38 41.91
C LYS D 310 -32.04 3.33 41.16
N THR D 311 -31.28 2.78 40.20
CA THR D 311 -30.39 3.62 39.38
C THR D 311 -29.71 2.88 38.24
N SER D 312 -29.31 3.65 37.23
CA SER D 312 -28.49 3.14 36.14
C SER D 312 -27.05 3.65 36.28
N GLN D 313 -26.78 4.41 37.34
CA GLN D 313 -25.44 4.89 37.62
C GLN D 313 -24.58 3.76 38.17
N PHE D 314 -23.27 3.83 37.91
CA PHE D 314 -22.31 2.86 38.42
C PHE D 314 -22.25 2.96 39.94
N VAL D 315 -22.78 1.93 40.61
CA VAL D 315 -22.91 1.92 42.08
C VAL D 315 -22.30 0.67 42.73
N ALA D 316 -21.75 0.84 43.92
CA ALA D 316 -21.17 -0.27 44.65
C ALA D 316 -21.46 -0.12 46.14
N PRO D 317 -21.74 -1.25 46.83
CA PRO D 317 -21.83 -1.17 48.29
C PRO D 317 -20.45 -1.00 48.96
N ASP D 318 -19.38 -1.48 48.32
CA ASP D 318 -18.04 -1.38 48.88
C ASP D 318 -16.99 -1.05 47.84
N GLU D 319 -16.19 -0.03 48.11
CA GLU D 319 -15.00 0.23 47.32
C GLU D 319 -13.79 -0.01 48.21
N LEU D 320 -12.82 -0.77 47.69
CA LEU D 320 -11.68 -1.21 48.50
C LEU D 320 -10.37 -0.95 47.81
N PHE D 321 -9.34 -0.75 48.60
CA PHE D 321 -7.98 -0.64 48.10
C PHE D 321 -7.02 -1.33 49.03
N ALA D 322 -6.15 -2.17 48.48
CA ALA D 322 -5.12 -2.84 49.27
C ALA D 322 -3.74 -2.63 48.65
N GLY D 323 -2.89 -1.87 49.35
CA GLY D 323 -1.58 -1.55 48.83
C GLY D 323 -0.45 -1.80 49.81
N TYR D 324 0.76 -1.81 49.27
CA TYR D 324 1.95 -1.94 50.09
C TYR D 324 3.14 -1.28 49.41
N THR D 325 4.05 -0.77 50.23
CA THR D 325 5.37 -0.35 49.79
C THR D 325 6.34 -1.37 50.36
N ARG D 326 7.63 -1.05 50.27
CA ARG D 326 8.67 -1.91 50.79
C ARG D 326 8.64 -1.97 52.32
N LYS D 327 8.11 -0.93 52.97
CA LYS D 327 8.06 -0.88 54.44
C LYS D 327 6.67 -1.04 55.10
N TYR D 328 5.61 -0.56 54.43
CA TYR D 328 4.27 -0.56 55.03
C TYR D 328 3.19 -1.11 54.11
N SER D 329 2.25 -1.86 54.70
CA SER D 329 1.10 -2.40 53.99
C SER D 329 -0.20 -1.81 54.55
N MET D 330 -1.08 -1.38 53.66
CA MET D 330 -2.34 -0.74 54.05
C MET D 330 -3.54 -1.27 53.25
N ALA D 331 -4.64 -1.53 53.96
CA ALA D 331 -5.88 -2.02 53.36
C ALA D 331 -7.07 -1.15 53.75
N VAL D 332 -7.73 -0.56 52.76
CA VAL D 332 -8.76 0.44 52.99
C VAL D 332 -10.13 -0.03 52.51
N TRP D 333 -11.11 0.00 53.41
CA TRP D 333 -12.49 -0.23 53.03
C TRP D 333 -13.27 1.09 53.07
N THR D 334 -14.17 1.26 52.12
CA THR D 334 -15.09 2.38 52.13
C THR D 334 -16.49 1.90 51.77
N GLY D 335 -17.49 2.53 52.36
CA GLY D 335 -18.90 2.22 52.11
C GLY D 335 -19.73 2.90 53.17
N TYR D 336 -21.04 2.73 53.12
CA TYR D 336 -21.93 3.26 54.15
C TYR D 336 -22.30 2.18 55.15
N SER D 337 -22.68 2.61 56.36
CA SER D 337 -23.04 1.69 57.43
C SER D 337 -24.14 0.75 56.97
N ASN D 338 -25.20 1.32 56.42
CA ASN D 338 -26.22 0.54 55.74
C ASN D 338 -25.76 0.23 54.31
N ARG D 339 -25.58 -1.07 54.01
CA ARG D 339 -25.02 -1.49 52.72
C ARG D 339 -25.90 -1.12 51.52
N LEU D 340 -27.16 -0.81 51.80
CA LEU D 340 -28.13 -0.46 50.76
C LEU D 340 -28.02 1.01 50.34
N THR D 341 -27.07 1.73 50.95
CA THR D 341 -26.71 3.07 50.51
C THR D 341 -25.48 2.94 49.62
N PRO D 342 -25.65 3.18 48.31
CA PRO D 342 -24.57 2.93 47.34
C PRO D 342 -23.48 3.98 47.35
N LEU D 343 -22.31 3.60 46.84
CA LEU D 343 -21.23 4.55 46.56
C LEU D 343 -21.37 4.99 45.11
N VAL D 344 -21.17 6.28 44.87
CA VAL D 344 -21.33 6.86 43.54
C VAL D 344 -20.26 7.89 43.19
N GLY D 345 -19.97 8.01 41.90
CA GLY D 345 -19.13 9.08 41.37
C GLY D 345 -17.78 9.26 42.06
N ASN D 346 -17.69 10.29 42.90
CA ASN D 346 -16.46 10.59 43.63
C ASN D 346 -16.30 9.77 44.89
N GLY D 347 -17.44 9.27 45.40
CA GLY D 347 -17.43 8.33 46.52
C GLY D 347 -16.59 7.09 46.22
N LEU D 348 -16.61 6.67 44.96
CA LEU D 348 -15.87 5.49 44.52
C LEU D 348 -14.36 5.67 44.52
N THR D 349 -13.89 6.91 44.49
CA THR D 349 -12.44 7.18 44.46
C THR D 349 -11.85 7.42 45.85
N VAL D 350 -12.70 7.41 46.87
CA VAL D 350 -12.27 7.73 48.23
C VAL D 350 -11.17 6.79 48.75
N ALA D 351 -11.42 5.48 48.69
CA ALA D 351 -10.51 4.47 49.23
C ALA D 351 -9.05 4.64 48.75
N ALA D 352 -8.88 4.76 47.43
CA ALA D 352 -7.56 4.93 46.81
C ALA D 352 -6.87 6.21 47.26
N LYS D 353 -7.65 7.29 47.42
CA LYS D 353 -7.12 8.59 47.82
C LYS D 353 -6.76 8.65 49.31
N VAL D 354 -7.55 7.98 50.15
CA VAL D 354 -7.22 7.80 51.56
C VAL D 354 -5.88 7.07 51.64
N TYR D 355 -5.77 5.96 50.93
CA TYR D 355 -4.52 5.21 50.84
C TYR D 355 -3.37 6.09 50.35
N ARG D 356 -3.61 6.84 49.26
CA ARG D 356 -2.57 7.63 48.62
C ARG D 356 -1.97 8.63 49.61
N SER D 357 -2.81 9.41 50.27
CA SER D 357 -2.35 10.45 51.18
C SER D 357 -1.72 9.90 52.47
N MET D 358 -2.22 8.77 52.96
CA MET D 358 -1.62 8.10 54.12
C MET D 358 -0.25 7.54 53.76
N MET D 359 -0.15 6.97 52.57
CA MET D 359 1.10 6.39 52.08
C MET D 359 2.13 7.47 51.73
N THR D 360 1.67 8.68 51.47
CA THR D 360 2.56 9.81 51.24
C THR D 360 3.16 10.26 52.57
N TYR D 361 2.34 10.23 53.62
CA TYR D 361 2.77 10.61 54.96
C TYR D 361 3.84 9.67 55.51
N LEU D 362 3.67 8.38 55.26
CA LEU D 362 4.58 7.38 55.80
C LEU D 362 5.86 7.23 54.99
N SER D 363 5.90 7.82 53.79
CA SER D 363 7.00 7.55 52.84
C SER D 363 7.82 8.75 52.39
N GLU D 364 7.23 9.95 52.40
CA GLU D 364 7.99 11.17 52.13
C GLU D 364 9.01 11.42 53.23
N GLY D 365 10.24 11.68 52.83
CA GLY D 365 11.32 11.90 53.79
C GLY D 365 12.30 10.74 53.77
N SER D 366 11.79 9.52 53.92
CA SER D 366 12.61 8.32 53.81
C SER D 366 12.97 8.10 52.34
N ASN D 367 13.90 7.17 52.09
CA ASN D 367 14.28 6.85 50.73
C ASN D 367 13.74 5.49 50.32
N PRO D 368 12.64 5.48 49.56
CA PRO D 368 11.90 4.27 49.27
C PRO D 368 12.64 3.36 48.29
N GLU D 369 13.19 2.28 48.82
CA GLU D 369 13.86 1.28 47.99
C GLU D 369 12.83 0.49 47.19
N ASP D 370 13.23 0.04 46.00
CA ASP D 370 12.41 -0.83 45.16
C ASP D 370 12.69 -2.29 45.52
N TRP D 371 11.99 -3.22 44.89
CA TRP D 371 12.26 -4.66 45.08
C TRP D 371 13.37 -5.14 44.15
N ASN D 372 14.00 -6.24 44.54
CA ASN D 372 15.05 -6.84 43.73
C ASN D 372 14.61 -8.17 43.14
N ILE D 373 14.76 -8.30 41.82
CA ILE D 373 14.47 -9.53 41.10
C ILE D 373 15.23 -10.73 41.70
N PRO D 374 14.50 -11.65 42.36
CA PRO D 374 15.13 -12.72 43.14
C PRO D 374 15.73 -13.80 42.26
N GLU D 375 16.63 -14.62 42.84
CA GLU D 375 17.29 -15.70 42.10
C GLU D 375 16.25 -16.63 41.47
N GLY D 376 16.45 -16.94 40.19
CA GLY D 376 15.53 -17.81 39.46
C GLY D 376 14.41 -17.10 38.73
N LEU D 377 14.63 -15.82 38.40
CA LEU D 377 13.67 -15.02 37.61
C LEU D 377 14.38 -14.06 36.67
N TYR D 378 13.82 -13.88 35.47
CA TYR D 378 14.43 -12.96 34.51
C TYR D 378 13.40 -12.01 33.87
N ARG D 379 13.88 -10.82 33.53
CA ARG D 379 13.06 -9.76 32.95
C ARG D 379 12.88 -9.97 31.45
N ASN D 380 11.91 -9.28 30.87
CA ASN D 380 11.70 -9.28 29.43
C ASN D 380 10.70 -8.20 29.02
N GLY D 381 11.19 -6.98 28.84
CA GLY D 381 10.32 -5.85 28.57
C GLY D 381 9.37 -5.62 29.74
N GLU D 382 8.08 -5.80 29.49
CA GLU D 382 7.06 -5.54 30.51
C GLU D 382 6.89 -6.65 31.56
N PHE D 383 7.38 -7.84 31.25
CA PHE D 383 7.02 -9.05 32.02
C PHE D 383 8.18 -9.74 32.73
N VAL D 384 7.84 -10.73 33.55
CA VAL D 384 8.83 -11.52 34.27
C VAL D 384 8.58 -13.01 34.03
N PHE D 385 9.67 -13.77 33.88
CA PHE D 385 9.60 -15.18 33.53
C PHE D 385 10.37 -16.05 34.52
N LYS D 386 9.98 -17.32 34.61
CA LYS D 386 10.68 -18.27 35.46
C LYS D 386 11.94 -18.84 34.80
N ASN D 387 13.00 -19.02 35.61
CA ASN D 387 14.18 -19.77 35.19
C ASN D 387 13.87 -21.26 35.24
#